data_6C6Y
#
_entry.id   6C6Y
#
_cell.length_a   81.580
_cell.length_b   148.070
_cell.length_c   259.000
_cell.angle_alpha   90.00
_cell.angle_beta   90.00
_cell.angle_gamma   90.00
#
_symmetry.space_group_name_H-M   'C 2 2 21'
#
loop_
_entity.id
_entity.type
_entity.pdbx_description
1 polymer 'JC57-14 Heavy chain'
2 polymer 'JC57-14 Light chain'
3 polymer 'Spike glycoprotein'
4 non-polymer 'SULFATE ION'
#
loop_
_entity_poly.entity_id
_entity_poly.type
_entity_poly.pdbx_seq_one_letter_code
_entity_poly.pdbx_strand_id
1 'polypeptide(L)'
;QVQLQESGPGLVKPSETLSLTCAVSGDSISSNYWSWIRQPPGKGLEWIGRFSGSGGSTDFNPSLKSRVTISTDTSKNQFS
LNLRSVTAADTAVYYCAKTYSGTFDYWGQGVLVTVSSASTKGPSVFPLAPSSRSTSESTAALGCLVKDYFPEPVTVSWNS
GSLTSGVHTFPAVLQSSGLYSLSSVVTVPSSSLGTQTYVCNVNHKPSNTKVDKRVEIA
;
A,H
2 'polypeptide(L)'
;DIQMTQSPSSLSASVGDRVTITCRASQDINNYLSWYQQKPGKAPKPLIYYASSLETGVPSRFSGSRSGTDYTLTISSLQL
EDFATYYCQQYNNSPYSFGQGTKVEIKRTVAAPSVFIFPPSEDQVKSGTVSVVCLLNNFYPREASVKWKVDGALKTGNSQ
ESVTEQDSKDNTYSLSSTLTLSSTEYQSHKVYACEVTHQGLSSPVTKSFNRGEC
;
B,L
3 'polypeptide(L)'
;VECDFSPLLSGTPPQVYNFKRLVFTNCNYNLTKLLSLFSVNDFTCSQISPAAIASNCYSSLILDYFSYPLSMKSDLSVSS
AGPISQFNYKQSFSNPTCLILATVPHNLTTITKPLKYSYINKCSRFLSDDRTEVPQLVNANQYSPCVSIVPSTVWEDGDY
YRKQLSPLEGGGWLVASGSTVAMTEQLQMGFGITVQYGTDTNSVCPKL
;
R,S
#
# COMPACT_ATOMS: atom_id res chain seq x y z
N GLN A 1 6.50 45.99 -5.76
CA GLN A 1 6.64 46.32 -7.18
C GLN A 1 7.84 45.60 -7.78
N VAL A 2 8.73 45.11 -6.91
CA VAL A 2 9.91 44.39 -7.36
C VAL A 2 9.49 43.07 -8.01
N GLN A 3 9.93 42.86 -9.26
CA GLN A 3 9.58 41.68 -10.02
C GLN A 3 10.84 40.90 -10.37
N LEU A 4 10.64 39.68 -10.87
CA LEU A 4 11.73 38.82 -11.30
C LEU A 4 11.31 38.04 -12.53
N GLN A 5 12.29 37.75 -13.38
CA GLN A 5 12.06 36.96 -14.59
C GLN A 5 13.27 36.07 -14.83
N GLU A 6 13.04 34.76 -14.91
CA GLU A 6 14.10 33.83 -15.28
C GLU A 6 14.24 33.76 -16.79
N SER A 7 15.45 33.45 -17.24
CA SER A 7 15.75 33.33 -18.67
C SER A 7 16.74 32.20 -18.86
N GLY A 8 16.28 31.08 -19.40
CA GLY A 8 17.12 29.92 -19.59
C GLY A 8 16.84 29.17 -20.87
N PRO A 9 17.71 28.22 -21.21
CA PRO A 9 17.51 27.46 -22.46
C PRO A 9 16.39 26.45 -22.38
N GLY A 10 16.17 25.84 -21.22
CA GLY A 10 15.15 24.81 -21.05
C GLY A 10 15.67 23.40 -21.26
N LEU A 11 16.60 23.24 -22.20
CA LEU A 11 17.23 21.95 -22.46
C LEU A 11 18.74 22.13 -22.45
N VAL A 12 19.42 21.36 -21.60
CA VAL A 12 20.88 21.40 -21.48
C VAL A 12 21.39 19.99 -21.74
N LYS A 13 22.40 19.89 -22.61
CA LYS A 13 23.02 18.60 -22.90
C LYS A 13 23.65 18.04 -21.63
N PRO A 14 23.70 16.70 -21.49
CA PRO A 14 24.12 16.10 -20.22
C PRO A 14 25.49 16.53 -19.74
N SER A 15 26.52 16.32 -20.56
CA SER A 15 27.89 16.54 -20.09
C SER A 15 28.21 18.02 -19.89
N GLU A 16 27.57 18.91 -20.65
CA GLU A 16 27.97 20.30 -20.69
C GLU A 16 27.48 21.10 -19.48
N THR A 17 27.48 22.43 -19.62
CA THR A 17 27.26 23.33 -18.50
C THR A 17 26.08 24.26 -18.79
N LEU A 18 25.26 24.48 -17.76
CA LEU A 18 24.06 25.29 -17.85
C LEU A 18 24.28 26.68 -17.25
N SER A 19 23.74 27.69 -17.92
CA SER A 19 23.78 29.07 -17.44
C SER A 19 22.36 29.60 -17.31
N LEU A 20 22.05 30.21 -16.17
CA LEU A 20 20.72 30.74 -15.88
C LEU A 20 20.84 32.17 -15.41
N THR A 21 20.13 33.08 -16.08
CA THR A 21 20.18 34.50 -15.78
C THR A 21 18.85 34.95 -15.18
N CYS A 22 18.92 35.77 -14.13
CA CYS A 22 17.75 36.27 -13.42
C CYS A 22 17.70 37.78 -13.57
N ALA A 23 16.58 38.29 -14.06
CA ALA A 23 16.39 39.73 -14.26
C ALA A 23 15.48 40.27 -13.16
N VAL A 24 15.96 41.28 -12.44
CA VAL A 24 15.21 41.91 -11.35
C VAL A 24 14.69 43.25 -11.85
N SER A 25 13.38 43.45 -11.73
CA SER A 25 12.72 44.67 -12.19
C SER A 25 12.06 45.35 -11.00
N GLY A 26 12.28 46.66 -10.87
CA GLY A 26 11.69 47.44 -9.81
C GLY A 26 12.50 47.54 -8.54
N ASP A 27 13.74 47.06 -8.54
CA ASP A 27 14.59 47.14 -7.36
C ASP A 27 16.04 46.99 -7.79
N SER A 28 16.95 47.41 -6.92
CA SER A 28 18.38 47.34 -7.17
C SER A 28 18.97 46.12 -6.47
N ILE A 29 19.80 45.37 -7.18
CA ILE A 29 20.49 44.23 -6.57
C ILE A 29 21.65 44.66 -5.69
N SER A 30 22.10 45.92 -5.80
CA SER A 30 23.17 46.47 -4.97
C SER A 30 22.72 46.73 -3.54
N SER A 31 21.55 46.22 -3.17
CA SER A 31 21.05 46.25 -1.80
C SER A 31 20.38 44.92 -1.51
N ASN A 32 19.98 44.74 -0.26
CA ASN A 32 19.34 43.51 0.19
C ASN A 32 20.20 42.29 -0.11
N TYR A 33 19.58 41.12 -0.24
CA TYR A 33 20.27 39.89 -0.60
C TYR A 33 19.39 39.11 -1.56
N TRP A 34 20.01 38.17 -2.28
CA TRP A 34 19.33 37.36 -3.27
C TRP A 34 19.86 35.93 -3.17
N SER A 35 19.13 35.00 -3.79
CA SER A 35 19.49 33.59 -3.70
C SER A 35 18.81 32.84 -4.83
N TRP A 36 19.24 31.59 -5.02
CA TRP A 36 18.65 30.68 -5.99
C TRP A 36 18.08 29.47 -5.27
N ILE A 37 16.94 28.97 -5.75
CA ILE A 37 16.30 27.78 -5.19
C ILE A 37 15.80 26.94 -6.35
N ARG A 38 16.09 25.64 -6.32
CA ARG A 38 15.62 24.72 -7.35
C ARG A 38 14.62 23.73 -6.75
N GLN A 39 13.80 23.17 -7.63
CA GLN A 39 12.78 22.22 -7.24
C GLN A 39 12.63 21.16 -8.33
N PRO A 40 13.07 19.94 -8.10
CA PRO A 40 12.90 18.87 -9.09
C PRO A 40 11.42 18.60 -9.33
N PRO A 41 11.02 18.32 -10.58
CA PRO A 41 9.60 18.12 -10.87
C PRO A 41 8.96 17.01 -10.05
N GLY A 42 8.16 17.39 -9.06
CA GLY A 42 7.44 16.45 -8.24
C GLY A 42 8.04 16.17 -6.87
N LYS A 43 8.90 17.04 -6.36
CA LYS A 43 9.49 16.86 -5.04
C LYS A 43 9.62 18.23 -4.36
N GLY A 44 10.36 18.26 -3.26
CA GLY A 44 10.48 19.45 -2.45
C GLY A 44 11.45 20.46 -3.01
N LEU A 45 11.84 21.41 -2.15
CA LEU A 45 12.68 22.53 -2.54
C LEU A 45 14.11 22.31 -2.06
N GLU A 46 15.06 22.74 -2.88
CA GLU A 46 16.49 22.68 -2.55
C GLU A 46 17.07 24.07 -2.71
N TRP A 47 17.60 24.62 -1.63
CA TRP A 47 18.19 25.96 -1.64
C TRP A 47 19.60 25.88 -2.23
N ILE A 48 19.83 26.62 -3.31
CA ILE A 48 21.12 26.62 -3.99
C ILE A 48 22.13 27.38 -3.14
N GLY A 49 22.04 28.71 -3.17
CA GLY A 49 22.98 29.54 -2.42
C GLY A 49 22.60 31.00 -2.37
N ARG A 50 22.95 31.69 -1.29
CA ARG A 50 22.66 33.11 -1.20
C ARG A 50 23.89 33.89 -1.48
N PHE A 51 23.72 35.09 -1.97
CA PHE A 51 24.80 35.99 -2.32
C PHE A 51 24.35 37.41 -2.03
N SER A 52 25.17 38.38 -2.41
CA SER A 52 24.85 39.79 -2.19
C SER A 52 25.40 40.62 -3.34
N GLY A 53 24.56 41.51 -3.86
CA GLY A 53 25.03 42.55 -4.75
C GLY A 53 25.43 43.82 -4.04
N SER A 54 25.17 43.90 -2.73
CA SER A 54 25.52 45.04 -1.91
C SER A 54 26.93 44.91 -1.33
N GLY A 55 27.25 43.76 -0.74
CA GLY A 55 28.55 43.53 -0.16
C GLY A 55 29.67 43.41 -1.17
N GLY A 56 29.79 42.25 -1.81
CA GLY A 56 28.87 41.14 -1.57
C GLY A 56 29.45 39.77 -1.82
N SER A 57 29.76 39.06 -0.73
CA SER A 57 30.21 37.68 -0.82
C SER A 57 29.03 36.72 -0.68
N THR A 58 29.29 35.44 -0.83
CA THR A 58 28.25 34.43 -1.01
C THR A 58 28.30 33.38 0.10
N ASP A 59 27.30 32.50 0.07
CA ASP A 59 27.23 31.33 0.93
C ASP A 59 26.35 30.32 0.22
N PHE A 60 26.92 29.15 -0.08
CA PHE A 60 26.26 28.14 -0.90
C PHE A 60 25.97 26.89 -0.09
N ASN A 61 25.19 26.00 -0.70
CA ASN A 61 24.88 24.70 -0.11
C ASN A 61 26.03 23.73 -0.35
N PRO A 62 26.56 23.08 0.69
CA PRO A 62 27.68 22.16 0.49
C PRO A 62 27.38 21.01 -0.46
N SER A 63 26.11 20.66 -0.67
CA SER A 63 25.78 19.57 -1.59
C SER A 63 26.06 19.95 -3.04
N LEU A 64 26.05 21.24 -3.37
CA LEU A 64 26.33 21.70 -4.73
C LEU A 64 27.43 22.76 -4.77
N LYS A 65 28.10 23.02 -3.64
CA LYS A 65 29.10 24.09 -3.60
C LYS A 65 30.25 23.85 -4.56
N SER A 66 30.59 22.58 -4.80
CA SER A 66 31.70 22.25 -5.68
C SER A 66 31.36 22.40 -7.16
N ARG A 67 30.10 22.65 -7.51
CA ARG A 67 29.68 22.77 -8.90
C ARG A 67 28.91 24.06 -9.18
N VAL A 68 28.82 24.97 -8.23
CA VAL A 68 27.99 26.17 -8.37
C VAL A 68 28.87 27.40 -8.31
N THR A 69 28.62 28.34 -9.22
CA THR A 69 29.26 29.65 -9.21
C THR A 69 28.22 30.69 -9.62
N ILE A 70 28.55 31.96 -9.38
CA ILE A 70 27.58 33.05 -9.52
C ILE A 70 28.29 34.28 -10.06
N SER A 71 27.62 35.01 -10.96
CA SER A 71 28.07 36.28 -11.46
C SER A 71 27.08 37.37 -11.10
N THR A 72 27.56 38.60 -10.99
CA THR A 72 26.75 39.75 -10.62
C THR A 72 26.92 40.87 -11.64
N ASP A 73 25.83 41.55 -11.96
CA ASP A 73 25.84 42.66 -12.90
C ASP A 73 25.04 43.82 -12.30
N THR A 74 25.63 45.02 -12.32
CA THR A 74 25.00 46.18 -11.72
C THR A 74 24.20 47.00 -12.76
N SER A 75 24.81 47.29 -13.90
CA SER A 75 24.16 48.13 -14.89
C SER A 75 22.95 47.42 -15.51
N LYS A 76 23.14 46.17 -15.95
CA LYS A 76 22.03 45.40 -16.50
C LYS A 76 21.01 45.02 -15.43
N ASN A 77 21.34 45.18 -14.14
CA ASN A 77 20.44 44.88 -13.03
C ASN A 77 20.01 43.42 -13.06
N GLN A 78 20.99 42.52 -13.12
CA GLN A 78 20.75 41.09 -13.23
C GLN A 78 21.81 40.34 -12.43
N PHE A 79 21.67 39.01 -12.43
CA PHE A 79 22.69 38.11 -11.91
C PHE A 79 22.41 36.73 -12.49
N SER A 80 23.48 35.97 -12.70
CA SER A 80 23.38 34.67 -13.36
C SER A 80 23.75 33.55 -12.40
N LEU A 81 23.44 32.32 -12.83
CA LEU A 81 23.78 31.11 -12.10
C LEU A 81 24.49 30.16 -13.04
N ASN A 82 25.66 29.68 -12.63
CA ASN A 82 26.49 28.81 -13.46
C ASN A 82 26.65 27.47 -12.76
N LEU A 83 26.07 26.42 -13.34
CA LEU A 83 26.15 25.06 -12.81
C LEU A 83 26.77 24.16 -13.86
N ARG A 84 27.93 23.60 -13.55
CA ARG A 84 28.69 22.77 -14.47
C ARG A 84 28.62 21.30 -14.04
N SER A 85 29.01 20.42 -14.97
CA SER A 85 28.99 18.98 -14.75
C SER A 85 27.60 18.51 -14.33
N VAL A 86 26.58 19.01 -15.04
CA VAL A 86 25.20 18.70 -14.68
C VAL A 86 24.91 17.22 -14.96
N THR A 87 24.05 16.64 -14.14
CA THR A 87 23.66 15.25 -14.26
C THR A 87 22.18 15.17 -14.63
N ALA A 88 21.68 13.94 -14.80
CA ALA A 88 20.26 13.74 -15.06
C ALA A 88 19.41 14.11 -13.86
N ALA A 89 19.99 14.13 -12.66
CA ALA A 89 19.25 14.51 -11.46
C ALA A 89 19.17 16.02 -11.28
N ASP A 90 19.86 16.80 -12.10
CA ASP A 90 19.80 18.26 -12.02
C ASP A 90 18.58 18.83 -12.73
N THR A 91 17.70 17.98 -13.26
CA THR A 91 16.46 18.44 -13.87
C THR A 91 15.56 19.01 -12.78
N ALA A 92 15.34 20.32 -12.82
CA ALA A 92 14.56 20.99 -11.78
C ALA A 92 14.10 22.34 -12.28
N VAL A 93 13.12 22.91 -11.57
CA VAL A 93 12.63 24.25 -11.81
C VAL A 93 13.40 25.20 -10.91
N TYR A 94 14.20 26.09 -11.49
CA TYR A 94 15.09 26.96 -10.75
C TYR A 94 14.43 28.31 -10.50
N TYR A 95 14.45 28.74 -9.24
CA TYR A 95 13.87 30.02 -8.83
C TYR A 95 14.96 30.94 -8.30
N CYS A 96 14.88 32.22 -8.65
CA CYS A 96 15.66 33.25 -8.00
C CYS A 96 14.73 34.10 -7.15
N ALA A 97 15.22 34.53 -5.99
CA ALA A 97 14.34 35.19 -5.04
C ALA A 97 15.12 36.20 -4.22
N LYS A 98 14.37 37.12 -3.62
CA LYS A 98 14.92 38.13 -2.73
C LYS A 98 14.84 37.64 -1.29
N THR A 99 15.62 38.28 -0.42
CA THR A 99 15.61 37.92 0.98
C THR A 99 16.09 39.11 1.80
N TYR A 100 15.87 38.99 3.14
CA TYR A 100 16.53 39.85 4.13
C TYR A 100 17.12 39.11 5.32
N SER A 101 16.63 37.92 5.69
CA SER A 101 17.18 37.15 6.80
C SER A 101 17.23 35.66 6.51
N GLY A 102 16.86 35.22 5.31
CA GLY A 102 16.88 33.83 4.92
C GLY A 102 15.58 33.38 4.32
N THR A 103 14.46 33.99 4.70
CA THR A 103 13.17 33.72 4.07
C THR A 103 13.20 34.31 2.66
N PHE A 104 12.05 34.34 2.00
CA PHE A 104 11.98 34.83 0.62
C PHE A 104 10.70 35.64 0.44
N ASP A 105 10.85 36.94 0.27
CA ASP A 105 9.69 37.81 0.10
C ASP A 105 9.08 37.66 -1.29
N TYR A 106 9.91 37.78 -2.33
CA TYR A 106 9.46 37.77 -3.71
C TYR A 106 10.16 36.67 -4.48
N TRP A 107 9.37 35.91 -5.24
CA TRP A 107 9.89 34.86 -6.12
C TRP A 107 9.64 35.25 -7.57
N GLY A 108 10.38 34.61 -8.46
CA GLY A 108 10.15 34.76 -9.88
C GLY A 108 9.52 33.52 -10.48
N GLN A 109 8.88 33.65 -11.63
CA GLN A 109 8.31 32.49 -12.31
C GLN A 109 9.43 31.51 -12.65
N GLY A 110 9.37 30.32 -12.04
CA GLY A 110 10.45 29.37 -12.19
C GLY A 110 10.62 28.91 -13.63
N VAL A 111 11.86 28.59 -13.98
CA VAL A 111 12.21 28.12 -15.31
C VAL A 111 12.63 26.66 -15.21
N LEU A 112 12.26 25.88 -16.21
CA LEU A 112 12.54 24.44 -16.21
C LEU A 112 13.82 24.16 -16.99
N VAL A 113 14.64 23.26 -16.45
CA VAL A 113 15.88 22.83 -17.07
C VAL A 113 15.88 21.30 -17.08
N THR A 114 15.84 20.71 -18.28
CA THR A 114 15.82 19.27 -18.45
C THR A 114 17.12 18.81 -19.10
N VAL A 115 17.72 17.75 -18.55
CA VAL A 115 18.99 17.24 -19.00
C VAL A 115 18.78 15.80 -19.47
N SER A 116 19.02 15.56 -20.77
CA SER A 116 18.93 14.23 -21.36
C SER A 116 19.55 14.29 -22.75
N SER A 117 20.16 13.18 -23.15
CA SER A 117 20.90 13.10 -24.41
C SER A 117 19.94 12.69 -25.51
N ALA A 118 19.29 13.67 -26.13
CA ALA A 118 18.38 13.41 -27.24
C ALA A 118 18.05 14.73 -27.93
N SER A 119 17.84 14.64 -29.24
CA SER A 119 17.38 15.78 -30.01
C SER A 119 15.86 15.71 -30.16
N THR A 120 15.28 16.77 -30.73
CA THR A 120 13.83 16.84 -30.88
C THR A 120 13.34 15.73 -31.81
N LYS A 121 12.25 15.09 -31.42
CA LYS A 121 11.68 13.99 -32.19
C LYS A 121 10.16 14.01 -32.06
N GLY A 122 9.47 13.72 -33.15
CA GLY A 122 8.03 13.76 -33.19
C GLY A 122 7.38 12.52 -32.61
N PRO A 123 6.13 12.66 -32.18
CA PRO A 123 5.42 11.52 -31.59
C PRO A 123 4.79 10.61 -32.65
N SER A 124 4.45 9.40 -32.20
CA SER A 124 3.71 8.43 -33.00
C SER A 124 2.36 8.22 -32.34
N VAL A 125 1.31 8.75 -32.97
CA VAL A 125 -0.03 8.76 -32.40
C VAL A 125 -0.79 7.52 -32.84
N PHE A 126 -1.50 6.90 -31.89
CA PHE A 126 -2.26 5.68 -32.11
C PHE A 126 -3.62 5.78 -31.44
N PRO A 127 -4.67 5.25 -32.05
CA PRO A 127 -5.97 5.20 -31.39
C PRO A 127 -6.07 4.05 -30.41
N LEU A 128 -6.84 4.27 -29.36
CA LEU A 128 -7.13 3.25 -28.34
C LEU A 128 -8.63 2.98 -28.38
N ALA A 129 -9.03 1.92 -29.09
CA ALA A 129 -10.44 1.60 -29.25
C ALA A 129 -10.80 0.34 -28.50
N PRO A 130 -12.01 0.26 -27.92
CA PRO A 130 -12.49 -0.93 -27.21
C PRO A 130 -12.57 -2.15 -28.12
N SER A 134 -14.08 -4.92 -27.13
CA SER A 134 -15.17 -4.86 -28.12
C SER A 134 -16.53 -4.90 -27.43
N THR A 135 -16.51 -4.84 -26.09
CA THR A 135 -17.73 -4.85 -25.29
C THR A 135 -18.13 -3.43 -24.93
N SER A 136 -19.43 -3.16 -24.93
CA SER A 136 -19.95 -1.83 -24.64
C SER A 136 -21.17 -1.95 -23.74
N GLU A 137 -21.12 -1.28 -22.60
CA GLU A 137 -22.23 -1.27 -21.63
C GLU A 137 -22.47 0.16 -21.19
N SER A 138 -23.57 0.76 -21.66
CA SER A 138 -24.02 2.08 -21.23
C SER A 138 -23.02 3.18 -21.57
N THR A 139 -21.83 3.12 -20.98
CA THR A 139 -20.80 4.14 -21.16
C THR A 139 -19.54 3.50 -21.71
N ALA A 140 -18.96 4.11 -22.74
CA ALA A 140 -17.76 3.61 -23.39
C ALA A 140 -16.64 4.63 -23.27
N ALA A 141 -15.41 4.14 -23.39
CA ALA A 141 -14.22 4.98 -23.27
C ALA A 141 -13.23 4.60 -24.35
N LEU A 142 -12.59 5.62 -24.93
CA LEU A 142 -11.57 5.42 -25.96
C LEU A 142 -10.54 6.54 -25.83
N GLY A 143 -9.39 6.34 -26.44
CA GLY A 143 -8.32 7.30 -26.28
C GLY A 143 -7.30 7.24 -27.38
N CYS A 144 -6.20 7.98 -27.19
CA CYS A 144 -5.11 8.07 -28.14
C CYS A 144 -3.78 7.97 -27.40
N LEU A 145 -2.91 7.09 -27.89
CA LEU A 145 -1.59 6.92 -27.31
C LEU A 145 -0.58 7.81 -28.04
N VAL A 146 0.26 8.49 -27.27
CA VAL A 146 1.27 9.39 -27.84
C VAL A 146 2.65 8.90 -27.41
N LYS A 147 3.20 7.94 -28.13
CA LYS A 147 4.44 7.26 -27.73
C LYS A 147 5.64 7.86 -28.45
N ASP A 148 6.76 7.94 -27.73
CA ASP A 148 8.05 8.35 -28.27
C ASP A 148 8.02 9.76 -28.84
N TYR A 149 8.17 10.76 -27.97
CA TYR A 149 8.30 12.14 -28.40
C TYR A 149 9.23 12.87 -27.46
N PHE A 150 9.98 13.82 -28.01
CA PHE A 150 10.95 14.58 -27.24
C PHE A 150 11.14 15.93 -27.91
N PRO A 151 11.19 17.02 -27.13
CA PRO A 151 11.00 17.01 -25.68
C PRO A 151 9.59 17.41 -25.27
N GLU A 152 9.40 17.66 -23.97
CA GLU A 152 8.14 18.17 -23.47
C GLU A 152 7.95 19.62 -23.92
N PRO A 153 6.69 20.09 -23.98
CA PRO A 153 5.45 19.36 -23.75
C PRO A 153 4.71 19.03 -25.04
N VAL A 154 3.49 18.50 -24.92
CA VAL A 154 2.64 18.21 -26.06
C VAL A 154 1.19 18.51 -25.66
N THR A 155 0.44 19.10 -26.58
CA THR A 155 -0.96 19.43 -26.35
C THR A 155 -1.85 18.42 -27.07
N VAL A 156 -2.96 18.07 -26.43
CA VAL A 156 -3.91 17.09 -26.96
C VAL A 156 -5.31 17.67 -26.87
N SER A 157 -6.06 17.58 -27.97
CA SER A 157 -7.45 18.00 -28.01
C SER A 157 -8.29 16.89 -28.61
N TRP A 158 -9.60 16.96 -28.39
CA TRP A 158 -10.54 15.98 -28.90
C TRP A 158 -11.65 16.70 -29.67
N ASN A 159 -11.84 16.33 -30.93
CA ASN A 159 -12.82 16.95 -31.81
C ASN A 159 -12.62 18.46 -31.90
N SER A 160 -11.35 18.88 -31.97
CA SER A 160 -10.98 20.28 -32.13
C SER A 160 -11.54 21.15 -31.00
N GLY A 161 -11.53 20.62 -29.79
CA GLY A 161 -11.97 21.34 -28.62
C GLY A 161 -13.46 21.28 -28.34
N SER A 162 -14.26 20.75 -29.27
CA SER A 162 -15.70 20.65 -29.04
C SER A 162 -16.06 19.56 -28.05
N LEU A 163 -15.09 18.76 -27.60
CA LEU A 163 -15.30 17.70 -26.63
C LEU A 163 -14.38 17.95 -25.44
N THR A 164 -14.95 18.41 -24.34
CA THR A 164 -14.18 18.71 -23.13
C THR A 164 -14.60 17.88 -21.93
N SER A 165 -15.89 17.58 -21.80
CA SER A 165 -16.37 16.84 -20.63
C SER A 165 -15.91 15.39 -20.69
N GLY A 166 -15.32 14.93 -19.58
CA GLY A 166 -14.90 13.55 -19.46
C GLY A 166 -13.56 13.22 -20.07
N VAL A 167 -12.83 14.21 -20.58
CA VAL A 167 -11.53 13.98 -21.21
C VAL A 167 -10.44 14.05 -20.14
N HIS A 168 -9.62 13.01 -20.05
CA HIS A 168 -8.51 12.95 -19.10
C HIS A 168 -7.23 12.80 -19.89
N THR A 169 -6.36 13.81 -19.82
CA THR A 169 -5.05 13.77 -20.46
C THR A 169 -4.00 13.53 -19.39
N PHE A 170 -3.29 12.40 -19.50
CA PHE A 170 -2.36 11.96 -18.48
C PHE A 170 -1.01 12.66 -18.64
N PRO A 171 -0.22 12.71 -17.55
CA PRO A 171 1.15 13.22 -17.67
C PRO A 171 2.04 12.26 -18.43
N ALA A 172 3.18 12.78 -18.88
CA ALA A 172 4.11 11.98 -19.65
C ALA A 172 4.93 11.07 -18.74
N VAL A 173 5.45 10.00 -19.33
CA VAL A 173 6.30 9.04 -18.63
C VAL A 173 7.62 8.99 -19.37
N LEU A 174 8.68 9.51 -18.75
CA LEU A 174 10.01 9.52 -19.36
C LEU A 174 10.56 8.11 -19.35
N GLN A 175 10.49 7.45 -20.50
CA GLN A 175 10.89 6.05 -20.61
C GLN A 175 12.42 5.91 -20.52
N SER A 176 12.87 4.68 -20.37
CA SER A 176 14.30 4.39 -20.37
C SER A 176 14.95 4.71 -21.70
N SER A 177 14.16 4.87 -22.75
CA SER A 177 14.67 5.25 -24.07
C SER A 177 14.99 6.75 -24.17
N GLY A 178 14.91 7.48 -23.06
CA GLY A 178 15.11 8.91 -23.12
C GLY A 178 13.98 9.68 -23.79
N LEU A 179 12.87 9.02 -24.07
CA LEU A 179 11.72 9.63 -24.74
C LEU A 179 10.50 9.54 -23.84
N TYR A 180 9.58 10.49 -24.03
CA TYR A 180 8.35 10.55 -23.27
C TYR A 180 7.26 9.72 -23.94
N SER A 181 6.19 9.48 -23.19
CA SER A 181 5.07 8.69 -23.69
C SER A 181 3.89 8.90 -22.76
N LEU A 182 2.74 9.21 -23.33
CA LEU A 182 1.53 9.44 -22.55
C LEU A 182 0.33 8.96 -23.34
N SER A 183 -0.85 9.08 -22.72
CA SER A 183 -2.11 8.69 -23.33
C SER A 183 -3.21 9.64 -22.85
N SER A 184 -4.11 9.99 -23.75
CA SER A 184 -5.26 10.83 -23.45
C SER A 184 -6.53 10.04 -23.69
N VAL A 185 -7.41 10.00 -22.69
CA VAL A 185 -8.61 9.18 -22.75
C VAL A 185 -9.84 10.07 -22.59
N VAL A 186 -10.98 9.54 -23.03
CA VAL A 186 -12.26 10.26 -22.96
C VAL A 186 -13.38 9.22 -22.86
N THR A 187 -14.34 9.48 -21.97
CA THR A 187 -15.49 8.63 -21.77
C THR A 187 -16.71 9.31 -22.41
N VAL A 188 -17.34 8.62 -23.35
CA VAL A 188 -18.48 9.17 -24.07
C VAL A 188 -19.63 8.16 -23.99
N PRO A 189 -20.86 8.62 -24.22
CA PRO A 189 -21.99 7.68 -24.21
C PRO A 189 -21.83 6.60 -25.27
N SER A 190 -22.25 5.38 -24.92
CA SER A 190 -22.18 4.27 -25.86
C SER A 190 -23.23 4.38 -26.96
N SER A 191 -24.29 5.16 -26.76
CA SER A 191 -25.32 5.36 -27.77
C SER A 191 -24.88 6.31 -28.88
N SER A 192 -23.81 7.07 -28.68
CA SER A 192 -23.31 8.00 -29.68
C SER A 192 -22.16 7.46 -30.49
N LEU A 193 -21.69 6.23 -30.20
CA LEU A 193 -20.52 5.69 -30.87
C LEU A 193 -20.79 5.46 -32.36
N GLY A 194 -22.01 5.03 -32.70
CA GLY A 194 -22.28 4.68 -34.08
C GLY A 194 -22.45 5.88 -34.99
N THR A 195 -23.08 6.94 -34.48
CA THR A 195 -23.47 8.08 -35.30
C THR A 195 -22.59 9.31 -35.11
N GLN A 196 -21.63 9.27 -34.20
CA GLN A 196 -20.79 10.42 -33.92
C GLN A 196 -19.33 10.02 -33.94
N THR A 197 -18.50 10.84 -34.60
CA THR A 197 -17.08 10.57 -34.74
C THR A 197 -16.31 11.13 -33.54
N TYR A 198 -15.05 10.70 -33.43
CA TYR A 198 -14.16 11.18 -32.37
C TYR A 198 -12.74 11.20 -32.91
N VAL A 199 -12.13 12.39 -32.93
CA VAL A 199 -10.75 12.55 -33.37
C VAL A 199 -9.96 13.19 -32.25
N CYS A 200 -8.66 12.87 -32.21
CA CYS A 200 -7.75 13.46 -31.23
C CYS A 200 -6.70 14.28 -31.97
N ASN A 201 -6.56 15.54 -31.57
CA ASN A 201 -5.68 16.49 -32.24
C ASN A 201 -4.42 16.65 -31.40
N VAL A 202 -3.27 16.33 -31.99
CA VAL A 202 -1.98 16.38 -31.31
C VAL A 202 -1.15 17.49 -31.92
N ASN A 203 -0.36 18.16 -31.09
CA ASN A 203 0.54 19.21 -31.56
C ASN A 203 1.81 19.17 -30.73
N HIS A 204 2.95 18.96 -31.40
CA HIS A 204 4.27 18.94 -30.76
C HIS A 204 5.12 19.99 -31.46
N LYS A 205 5.13 21.20 -30.88
CA LYS A 205 5.82 22.31 -31.54
C LYS A 205 7.32 22.13 -31.69
N PRO A 206 8.07 21.60 -30.71
CA PRO A 206 9.51 21.37 -30.96
C PRO A 206 9.80 20.52 -32.18
N SER A 207 8.92 19.59 -32.53
CA SER A 207 9.05 18.82 -33.76
C SER A 207 8.07 19.27 -34.84
N ASN A 208 7.21 20.23 -34.54
CA ASN A 208 6.22 20.75 -35.48
C ASN A 208 5.30 19.64 -36.01
N THR A 209 5.05 18.63 -35.18
CA THR A 209 4.18 17.52 -35.55
C THR A 209 2.73 17.88 -35.26
N LYS A 210 1.87 17.69 -36.25
CA LYS A 210 0.45 18.02 -36.14
C LYS A 210 -0.35 16.87 -36.72
N VAL A 211 -1.03 16.11 -35.85
CA VAL A 211 -1.69 14.87 -36.23
C VAL A 211 -3.16 14.94 -35.82
N ASP A 212 -4.02 14.47 -36.70
CA ASP A 212 -5.45 14.28 -36.41
C ASP A 212 -5.76 12.80 -36.63
N LYS A 213 -5.88 12.05 -35.53
CA LYS A 213 -6.09 10.62 -35.59
C LYS A 213 -7.54 10.28 -35.26
N ARG A 214 -8.13 9.38 -36.04
CA ARG A 214 -9.49 8.93 -35.81
C ARG A 214 -9.51 7.68 -34.93
N VAL A 215 -10.45 7.64 -34.00
CA VAL A 215 -10.65 6.49 -33.13
C VAL A 215 -11.81 5.69 -33.69
N GLU A 216 -11.51 4.53 -34.28
CA GLU A 216 -12.49 3.71 -34.97
C GLU A 216 -12.69 2.40 -34.23
N ILE A 217 -13.96 2.00 -34.09
CA ILE A 217 -14.30 0.71 -33.52
C ILE A 217 -14.37 -0.33 -34.64
N ASP B 1 23.99 19.37 9.11
CA ASP B 1 23.07 20.48 8.91
C ASP B 1 21.82 20.31 9.77
N ILE B 2 20.93 21.29 9.73
CA ILE B 2 19.61 21.20 10.34
C ILE B 2 18.63 20.78 9.25
N GLN B 3 17.84 19.74 9.54
CA GLN B 3 16.90 19.21 8.57
C GLN B 3 15.50 19.18 9.17
N MET B 4 14.50 19.28 8.30
CA MET B 4 13.12 19.47 8.72
C MET B 4 12.29 18.22 8.44
N THR B 5 11.39 17.90 9.38
CA THR B 5 10.45 16.79 9.25
C THR B 5 9.05 17.38 9.34
N GLN B 6 8.42 17.58 8.18
CA GLN B 6 7.09 18.15 8.09
C GLN B 6 6.08 17.03 7.91
N SER B 7 4.99 17.07 8.70
CA SER B 7 3.98 16.03 8.68
C SER B 7 2.63 16.67 8.97
N PRO B 8 1.53 16.12 8.41
CA PRO B 8 1.47 14.94 7.55
C PRO B 8 1.88 15.23 6.10
N SER B 9 2.31 14.19 5.37
CA SER B 9 2.72 14.40 3.98
C SER B 9 1.53 14.83 3.11
N SER B 10 0.35 14.29 3.39
CA SER B 10 -0.85 14.71 2.67
C SER B 10 -2.08 14.40 3.51
N LEU B 11 -3.11 15.22 3.36
CA LEU B 11 -4.34 15.09 4.12
C LEU B 11 -5.52 15.46 3.25
N SER B 12 -6.68 14.87 3.54
CA SER B 12 -7.91 15.10 2.81
C SER B 12 -8.88 15.85 3.70
N ALA B 13 -9.27 17.04 3.28
CA ALA B 13 -10.21 17.87 4.03
C ALA B 13 -11.09 18.64 3.06
N SER B 14 -12.20 19.17 3.58
CA SER B 14 -13.16 19.91 2.80
C SER B 14 -13.27 21.35 3.32
N VAL B 15 -14.07 22.15 2.61
CA VAL B 15 -14.22 23.55 2.97
C VAL B 15 -14.87 23.68 4.34
N GLY B 16 -14.36 24.61 5.15
CA GLY B 16 -14.86 24.85 6.48
C GLY B 16 -14.14 24.09 7.58
N ASP B 17 -13.37 23.07 7.23
CA ASP B 17 -12.63 22.32 8.23
C ASP B 17 -11.45 23.13 8.75
N ARG B 18 -10.96 22.74 9.92
CA ARG B 18 -9.74 23.28 10.50
C ARG B 18 -8.63 22.26 10.32
N VAL B 19 -7.53 22.68 9.71
CA VAL B 19 -6.41 21.81 9.37
C VAL B 19 -5.14 22.40 9.97
N THR B 20 -4.34 21.55 10.61
CA THR B 20 -3.09 21.97 11.24
C THR B 20 -1.94 21.19 10.60
N ILE B 21 -0.89 21.91 10.21
CA ILE B 21 0.28 21.33 9.57
C ILE B 21 1.48 21.60 10.46
N THR B 22 2.18 20.55 10.88
CA THR B 22 3.28 20.67 11.81
C THR B 22 4.62 20.53 11.09
N CYS B 23 5.67 20.96 11.78
CA CYS B 23 7.01 20.99 11.19
C CYS B 23 8.02 20.94 12.32
N ARG B 24 8.86 19.91 12.34
CA ARG B 24 9.83 19.69 13.40
C ARG B 24 11.24 19.85 12.87
N ALA B 25 12.10 20.48 13.66
CA ALA B 25 13.49 20.72 13.30
C ALA B 25 14.41 19.78 14.08
N SER B 26 15.52 19.40 13.44
CA SER B 26 16.47 18.51 14.09
C SER B 26 17.17 19.19 15.27
N GLN B 27 17.34 20.50 15.21
CA GLN B 27 17.89 21.28 16.31
C GLN B 27 17.02 22.51 16.52
N ASP B 28 17.29 23.24 17.59
CA ASP B 28 16.54 24.47 17.83
C ASP B 28 16.84 25.50 16.76
N ILE B 29 15.78 26.04 16.16
CA ILE B 29 15.92 27.04 15.10
C ILE B 29 15.69 28.46 15.61
N ASN B 30 15.18 28.61 16.84
CA ASN B 30 15.01 29.91 17.49
C ASN B 30 14.02 30.79 16.73
N ASN B 31 12.88 30.19 16.38
CA ASN B 31 11.73 30.85 15.75
C ASN B 31 12.03 31.35 14.34
N TYR B 32 13.17 30.99 13.76
CA TYR B 32 13.50 31.39 12.40
C TYR B 32 12.96 30.36 11.42
N LEU B 33 11.63 30.37 11.28
CA LEU B 33 10.91 29.45 10.42
C LEU B 33 9.93 30.24 9.55
N SER B 34 9.75 29.77 8.32
CA SER B 34 8.86 30.41 7.37
C SER B 34 7.94 29.38 6.75
N TRP B 35 6.72 29.82 6.42
CA TRP B 35 5.74 28.98 5.76
C TRP B 35 5.45 29.49 4.35
N TYR B 36 5.19 28.57 3.44
CA TYR B 36 4.91 28.90 2.05
C TYR B 36 3.72 28.11 1.55
N GLN B 37 3.01 28.70 0.59
CA GLN B 37 1.92 28.04 -0.12
C GLN B 37 2.34 27.95 -1.59
N GLN B 38 2.26 26.76 -2.16
CA GLN B 38 2.64 26.53 -3.54
C GLN B 38 1.46 25.98 -4.31
N LYS B 39 0.96 26.76 -5.28
CA LYS B 39 -0.07 26.29 -6.18
C LYS B 39 0.60 25.51 -7.30
N PRO B 40 -0.12 24.60 -7.94
CA PRO B 40 0.49 23.75 -8.98
C PRO B 40 0.98 24.59 -10.16
N GLY B 41 2.27 24.46 -10.46
CA GLY B 41 2.84 25.16 -11.58
C GLY B 41 3.25 26.60 -11.32
N LYS B 42 3.32 27.02 -10.06
CA LYS B 42 3.65 28.39 -9.70
C LYS B 42 4.71 28.41 -8.63
N ALA B 43 5.29 29.60 -8.42
CA ALA B 43 6.30 29.78 -7.39
C ALA B 43 5.69 29.74 -6.01
N PRO B 44 6.47 29.39 -4.99
CA PRO B 44 5.95 29.42 -3.62
C PRO B 44 5.52 30.82 -3.22
N LYS B 45 4.45 30.90 -2.44
CA LYS B 45 3.90 32.16 -1.99
C LYS B 45 4.14 32.30 -0.49
N PRO B 46 4.87 33.32 -0.03
CA PRO B 46 5.14 33.44 1.41
C PRO B 46 3.85 33.75 2.17
N LEU B 47 3.67 33.05 3.28
CA LEU B 47 2.50 33.23 4.14
C LEU B 47 2.89 33.73 5.52
N ILE B 48 3.91 33.13 6.14
CA ILE B 48 4.29 33.44 7.51
C ILE B 48 5.81 33.47 7.59
N TYR B 49 6.34 34.47 8.30
CA TYR B 49 7.76 34.58 8.57
C TYR B 49 7.97 34.69 10.07
N TYR B 50 9.14 34.23 10.53
CA TYR B 50 9.47 34.19 11.95
C TYR B 50 8.40 33.43 12.74
N ALA B 51 8.10 32.22 12.28
CA ALA B 51 7.25 31.26 12.98
C ALA B 51 5.78 31.68 13.04
N SER B 52 5.50 32.92 13.46
CA SER B 52 4.13 33.32 13.73
C SER B 52 3.70 34.66 13.14
N SER B 53 4.60 35.41 12.51
CA SER B 53 4.26 36.71 11.95
C SER B 53 3.66 36.55 10.56
N LEU B 54 2.49 37.16 10.35
CA LEU B 54 1.78 37.01 9.09
C LEU B 54 2.31 37.97 8.04
N GLU B 55 2.45 37.48 6.82
CA GLU B 55 2.87 38.33 5.70
C GLU B 55 1.76 39.31 5.33
N THR B 56 2.13 40.33 4.56
CA THR B 56 1.18 41.36 4.16
C THR B 56 0.19 40.78 3.15
N GLY B 57 -1.09 41.09 3.35
CA GLY B 57 -2.11 40.67 2.40
C GLY B 57 -2.47 39.21 2.47
N VAL B 58 -2.21 38.55 3.59
CA VAL B 58 -2.51 37.13 3.78
C VAL B 58 -3.72 37.04 4.69
N PRO B 59 -4.72 36.21 4.36
CA PRO B 59 -5.94 36.17 5.16
C PRO B 59 -5.68 35.76 6.60
N SER B 60 -6.60 36.15 7.48
CA SER B 60 -6.47 35.86 8.91
C SER B 60 -6.72 34.40 9.24
N ARG B 61 -7.18 33.60 8.28
CA ARG B 61 -7.36 32.17 8.51
C ARG B 61 -6.03 31.48 8.83
N PHE B 62 -4.93 31.98 8.26
CA PHE B 62 -3.62 31.39 8.48
C PHE B 62 -2.99 31.97 9.73
N SER B 63 -2.41 31.10 10.56
CA SER B 63 -1.72 31.52 11.77
C SER B 63 -0.52 30.61 12.01
N GLY B 64 0.48 31.14 12.71
CA GLY B 64 1.67 30.39 13.05
C GLY B 64 1.82 30.27 14.55
N SER B 65 2.42 29.16 14.98
CA SER B 65 2.52 28.85 16.40
C SER B 65 3.73 27.96 16.63
N ARG B 66 4.13 27.88 17.89
CA ARG B 66 5.28 27.06 18.29
C ARG B 66 4.99 26.43 19.65
N SER B 67 5.25 25.14 19.77
CA SER B 67 5.15 24.43 21.04
C SER B 67 6.33 23.46 21.12
N GLY B 68 7.17 23.63 22.12
CA GLY B 68 8.42 22.88 22.16
C GLY B 68 9.25 23.21 20.94
N THR B 69 9.63 22.18 20.18
CA THR B 69 10.35 22.36 18.93
C THR B 69 9.47 22.02 17.72
N ASP B 70 8.15 22.06 17.90
CA ASP B 70 7.20 21.80 16.83
C ASP B 70 6.57 23.12 16.39
N TYR B 71 6.57 23.35 15.08
CA TYR B 71 6.03 24.56 14.48
C TYR B 71 4.81 24.17 13.66
N THR B 72 3.67 24.78 13.95
CA THR B 72 2.40 24.37 13.37
C THR B 72 1.80 25.51 12.56
N LEU B 73 1.34 25.19 11.36
CA LEU B 73 0.58 26.11 10.52
C LEU B 73 -0.87 25.65 10.55
N THR B 74 -1.75 26.48 11.10
CA THR B 74 -3.15 26.12 11.29
C THR B 74 -4.02 27.04 10.45
N ILE B 75 -4.86 26.46 9.59
CA ILE B 75 -5.88 27.19 8.85
C ILE B 75 -7.19 27.04 9.62
N SER B 76 -7.69 28.15 10.15
CA SER B 76 -8.86 28.10 11.01
C SER B 76 -10.09 27.59 10.24
N SER B 77 -10.40 28.23 9.13
CA SER B 77 -11.52 27.83 8.27
C SER B 77 -10.98 27.58 6.88
N LEU B 78 -10.92 26.32 6.47
CA LEU B 78 -10.41 25.99 5.15
C LEU B 78 -11.38 26.43 4.08
N GLN B 79 -10.85 26.77 2.92
CA GLN B 79 -11.64 27.28 1.81
C GLN B 79 -11.06 26.75 0.50
N LEU B 80 -11.80 26.97 -0.58
CA LEU B 80 -11.39 26.45 -1.89
C LEU B 80 -10.06 27.04 -2.35
N GLU B 81 -9.77 28.28 -1.96
CA GLU B 81 -8.54 28.94 -2.42
C GLU B 81 -7.29 28.30 -1.83
N ASP B 82 -7.41 27.58 -0.72
CA ASP B 82 -6.26 27.15 0.07
C ASP B 82 -5.77 25.75 -0.28
N PHE B 83 -6.45 25.03 -1.17
CA PHE B 83 -6.07 23.66 -1.48
C PHE B 83 -4.83 23.68 -2.37
N ALA B 84 -3.67 23.45 -1.76
CA ALA B 84 -2.39 23.46 -2.45
C ALA B 84 -1.40 22.69 -1.60
N THR B 85 -0.10 22.84 -1.90
CA THR B 85 0.96 22.21 -1.15
C THR B 85 1.68 23.27 -0.32
N TYR B 86 1.88 22.98 0.96
CA TYR B 86 2.44 23.93 1.91
C TYR B 86 3.80 23.42 2.39
N TYR B 87 4.75 24.35 2.52
CA TYR B 87 6.11 24.02 2.91
C TYR B 87 6.52 24.86 4.10
N CYS B 88 7.46 24.32 4.88
CA CYS B 88 8.09 25.04 5.98
C CYS B 88 9.59 25.09 5.75
N GLN B 89 10.19 26.24 6.05
CA GLN B 89 11.61 26.48 5.80
C GLN B 89 12.24 27.06 7.04
N GLN B 90 13.49 26.68 7.30
CA GLN B 90 14.27 27.25 8.38
C GLN B 90 15.40 28.08 7.80
N TYR B 91 15.68 29.21 8.42
CA TYR B 91 16.78 30.08 8.05
C TYR B 91 17.59 30.47 9.27
N ASN B 92 17.75 29.51 10.20
CA ASN B 92 18.57 29.72 11.38
C ASN B 92 20.06 29.55 11.07
N ASN B 93 20.40 28.59 10.22
CA ASN B 93 21.81 28.38 9.86
C ASN B 93 21.89 27.73 8.49
N SER B 94 22.96 28.04 7.77
CA SER B 94 23.19 27.46 6.46
C SER B 94 23.66 26.01 6.62
N PRO B 95 23.25 25.12 5.70
CA PRO B 95 22.36 25.40 4.57
C PRO B 95 20.89 25.44 4.96
N TYR B 96 20.10 26.21 4.23
CA TYR B 96 18.69 26.38 4.53
C TYR B 96 17.92 25.16 4.03
N SER B 97 17.41 24.36 4.96
CA SER B 97 16.64 23.18 4.61
C SER B 97 15.18 23.53 4.41
N PHE B 98 14.50 22.72 3.59
CA PHE B 98 13.09 22.93 3.28
C PHE B 98 12.29 21.71 3.73
N GLY B 99 11.03 21.95 4.06
CA GLY B 99 10.14 20.86 4.36
C GLY B 99 9.76 20.08 3.12
N GLN B 100 9.37 18.82 3.34
CA GLN B 100 8.96 17.96 2.23
C GLN B 100 7.67 18.46 1.61
N GLY B 101 6.82 19.10 2.40
CA GLY B 101 5.58 19.66 1.94
C GLY B 101 4.38 18.84 2.38
N THR B 102 3.25 19.52 2.54
CA THR B 102 2.00 18.89 2.91
C THR B 102 0.97 19.29 1.86
N LYS B 103 0.38 18.29 1.20
CA LYS B 103 -0.57 18.52 0.13
C LYS B 103 -1.99 18.47 0.70
N VAL B 104 -2.67 19.60 0.66
CA VAL B 104 -4.05 19.70 1.11
C VAL B 104 -4.95 19.51 -0.10
N GLU B 105 -5.69 18.41 -0.12
CA GLU B 105 -6.53 18.04 -1.24
C GLU B 105 -7.98 17.92 -0.79
N ILE B 106 -8.91 18.33 -1.66
CA ILE B 106 -10.32 18.22 -1.32
C ILE B 106 -10.69 16.75 -1.24
N LYS B 107 -11.55 16.42 -0.28
CA LYS B 107 -11.93 15.04 -0.04
C LYS B 107 -13.30 14.77 -0.64
N ARG B 108 -13.39 13.72 -1.44
CA ARG B 108 -14.66 13.26 -1.98
C ARG B 108 -15.12 12.08 -1.14
N THR B 109 -16.25 11.49 -1.52
CA THR B 109 -16.66 10.23 -0.95
C THR B 109 -16.11 9.11 -1.81
N VAL B 110 -15.85 7.96 -1.18
CA VAL B 110 -15.15 6.89 -1.87
C VAL B 110 -15.97 6.44 -3.07
N ALA B 111 -15.29 6.21 -4.20
CA ALA B 111 -15.92 5.78 -5.44
C ALA B 111 -14.99 4.83 -6.16
N ALA B 112 -15.54 3.70 -6.62
CA ALA B 112 -14.72 2.69 -7.25
C ALA B 112 -14.37 3.09 -8.67
N PRO B 113 -13.21 2.67 -9.17
CA PRO B 113 -12.79 3.08 -10.51
C PRO B 113 -13.50 2.29 -11.60
N SER B 114 -13.84 3.00 -12.68
CA SER B 114 -14.33 2.36 -13.89
C SER B 114 -13.13 1.86 -14.68
N VAL B 115 -13.04 0.55 -14.86
CA VAL B 115 -11.85 -0.09 -15.40
C VAL B 115 -12.07 -0.39 -16.87
N PHE B 116 -11.14 0.08 -17.71
CA PHE B 116 -11.16 -0.16 -19.14
C PHE B 116 -9.77 -0.63 -19.56
N ILE B 117 -9.73 -1.61 -20.46
CA ILE B 117 -8.47 -2.08 -21.03
C ILE B 117 -8.51 -1.86 -22.53
N PHE B 118 -7.39 -1.39 -23.07
CA PHE B 118 -7.29 -1.05 -24.49
C PHE B 118 -6.28 -1.96 -25.16
N PRO B 119 -6.69 -2.79 -26.12
CA PRO B 119 -5.71 -3.59 -26.85
C PRO B 119 -4.92 -2.71 -27.79
N PRO B 120 -3.66 -3.06 -28.06
CA PRO B 120 -2.84 -2.20 -28.93
C PRO B 120 -3.39 -2.20 -30.35
N SER B 121 -3.32 -1.03 -31.00
CA SER B 121 -3.81 -0.92 -32.36
C SER B 121 -2.98 -1.80 -33.30
N GLU B 122 -3.64 -2.34 -34.34
CA GLU B 122 -2.93 -3.14 -35.33
C GLU B 122 -1.86 -2.35 -36.08
N ASP B 123 -2.00 -1.03 -36.15
CA ASP B 123 -0.94 -0.24 -36.78
C ASP B 123 0.37 -0.35 -36.00
N GLN B 124 0.29 -0.45 -34.66
CA GLN B 124 1.46 -0.57 -33.81
C GLN B 124 2.05 -1.98 -33.81
N VAL B 125 1.25 -3.00 -34.16
CA VAL B 125 1.74 -4.37 -34.13
C VAL B 125 2.92 -4.55 -35.09
N LYS B 126 2.87 -3.91 -36.25
CA LYS B 126 4.00 -4.00 -37.18
C LYS B 126 5.17 -3.12 -36.78
N SER B 127 5.02 -2.25 -35.78
CA SER B 127 6.08 -1.34 -35.39
C SER B 127 7.16 -2.00 -34.54
N GLY B 128 6.91 -3.19 -34.00
CA GLY B 128 7.88 -3.91 -33.20
C GLY B 128 7.68 -3.79 -31.70
N THR B 129 7.07 -2.70 -31.24
CA THR B 129 6.82 -2.49 -29.82
C THR B 129 5.34 -2.20 -29.61
N VAL B 130 4.69 -3.03 -28.78
CA VAL B 130 3.28 -2.88 -28.49
C VAL B 130 3.13 -2.14 -27.18
N SER B 131 1.89 -1.74 -26.85
CA SER B 131 1.64 -1.03 -25.60
C SER B 131 0.18 -1.27 -25.20
N VAL B 132 -0.02 -2.18 -24.27
CA VAL B 132 -1.35 -2.44 -23.72
C VAL B 132 -1.61 -1.43 -22.60
N VAL B 133 -2.73 -0.71 -22.71
CA VAL B 133 -3.07 0.37 -21.78
C VAL B 133 -4.31 -0.04 -21.01
N CYS B 134 -4.25 0.05 -19.69
CA CYS B 134 -5.36 -0.24 -18.80
C CYS B 134 -5.72 1.04 -18.06
N LEU B 135 -7.01 1.37 -18.04
CA LEU B 135 -7.49 2.64 -17.51
C LEU B 135 -8.29 2.42 -16.23
N LEU B 136 -8.00 3.22 -15.21
CA LEU B 136 -8.79 3.31 -14.00
C LEU B 136 -9.33 4.73 -13.92
N ASN B 137 -10.62 4.90 -14.18
CA ASN B 137 -11.23 6.21 -14.37
C ASN B 137 -12.10 6.59 -13.19
N ASN B 138 -11.93 7.81 -12.69
CA ASN B 138 -12.80 8.41 -11.68
C ASN B 138 -12.92 7.56 -10.43
N PHE B 139 -11.93 7.66 -9.54
CA PHE B 139 -11.94 6.91 -8.28
C PHE B 139 -11.35 7.78 -7.19
N TYR B 140 -11.61 7.38 -5.94
CA TYR B 140 -11.07 8.08 -4.78
C TYR B 140 -11.07 7.13 -3.60
N PRO B 141 -10.00 7.09 -2.78
CA PRO B 141 -8.81 7.93 -2.86
C PRO B 141 -7.84 7.49 -3.95
N ARG B 142 -6.64 8.07 -3.95
CA ARG B 142 -5.70 7.84 -5.04
C ARG B 142 -5.12 6.42 -5.02
N GLU B 143 -5.01 5.81 -3.84
CA GLU B 143 -4.34 4.52 -3.69
C GLU B 143 -5.12 3.41 -4.40
N ALA B 144 -4.46 2.74 -5.34
CA ALA B 144 -4.99 1.53 -5.95
C ALA B 144 -3.83 0.71 -6.47
N SER B 145 -4.07 -0.59 -6.64
CA SER B 145 -3.09 -1.55 -7.12
C SER B 145 -3.52 -2.14 -8.45
N VAL B 146 -2.56 -2.28 -9.36
CA VAL B 146 -2.82 -2.84 -10.69
C VAL B 146 -1.81 -3.95 -10.94
N LYS B 147 -2.30 -5.12 -11.37
CA LYS B 147 -1.46 -6.26 -11.67
C LYS B 147 -1.69 -6.70 -13.12
N TRP B 148 -0.67 -7.31 -13.71
CA TRP B 148 -0.71 -7.72 -15.11
C TRP B 148 -0.62 -9.24 -15.17
N LYS B 149 -1.74 -9.88 -15.52
CA LYS B 149 -1.79 -11.33 -15.73
C LYS B 149 -1.81 -11.60 -17.24
N VAL B 150 -0.67 -12.02 -17.78
CA VAL B 150 -0.57 -12.36 -19.20
C VAL B 150 -0.71 -13.86 -19.36
N ASP B 151 -1.67 -14.27 -20.20
CA ASP B 151 -1.97 -15.68 -20.46
C ASP B 151 -2.10 -16.50 -19.17
N GLY B 152 -2.63 -15.88 -18.12
CA GLY B 152 -2.84 -16.61 -16.88
C GLY B 152 -2.07 -16.08 -15.68
N ALA B 153 -0.74 -15.98 -15.78
CA ALA B 153 0.07 -15.68 -14.61
C ALA B 153 0.61 -14.25 -14.70
N LEU B 154 1.29 -13.84 -13.63
CA LEU B 154 1.75 -12.46 -13.46
C LEU B 154 3.11 -12.23 -14.12
N LYS B 155 3.19 -11.16 -14.92
CA LYS B 155 4.45 -10.66 -15.45
C LYS B 155 4.70 -9.28 -14.88
N THR B 156 5.94 -9.00 -14.51
CA THR B 156 6.27 -7.77 -13.79
C THR B 156 7.33 -6.97 -14.55
N GLY B 157 7.58 -5.76 -14.06
CA GLY B 157 8.69 -4.92 -14.48
C GLY B 157 8.48 -3.95 -15.62
N ASN B 158 7.73 -4.35 -16.65
CA ASN B 158 7.52 -3.55 -17.83
C ASN B 158 6.31 -2.60 -17.71
N SER B 159 5.87 -2.30 -16.49
CA SER B 159 4.71 -1.44 -16.30
C SER B 159 5.12 0.04 -16.21
N GLN B 160 4.17 0.91 -16.53
CA GLN B 160 4.36 2.35 -16.46
C GLN B 160 3.04 2.98 -16.02
N GLU B 161 3.04 3.64 -14.87
CA GLU B 161 1.84 4.27 -14.34
C GLU B 161 1.87 5.79 -14.53
N SER B 162 0.68 6.38 -14.58
CA SER B 162 0.54 7.83 -14.73
C SER B 162 -0.80 8.23 -14.11
N VAL B 163 -0.75 9.01 -13.04
CA VAL B 163 -1.95 9.44 -12.32
C VAL B 163 -2.19 10.92 -12.59
N THR B 164 -3.45 11.26 -12.85
CA THR B 164 -3.84 12.65 -13.01
C THR B 164 -4.12 13.28 -11.65
N GLU B 165 -4.22 14.60 -11.64
CA GLU B 165 -4.57 15.33 -10.44
C GLU B 165 -6.08 15.29 -10.21
N GLN B 166 -6.50 15.85 -9.08
CA GLN B 166 -7.91 15.82 -8.70
C GLN B 166 -8.77 16.56 -9.72
N ASP B 167 -9.91 15.96 -10.04
CA ASP B 167 -10.86 16.56 -10.96
C ASP B 167 -11.51 17.80 -10.33
N SER B 168 -12.03 18.67 -11.19
CA SER B 168 -12.62 19.92 -10.74
C SER B 168 -14.10 19.76 -10.37
N LYS B 169 -14.83 18.92 -11.09
CA LYS B 169 -16.26 18.76 -10.83
C LYS B 169 -16.55 17.68 -9.80
N ASP B 170 -15.83 16.56 -9.84
CA ASP B 170 -16.11 15.42 -8.97
C ASP B 170 -14.98 15.09 -8.00
N ASN B 171 -13.81 15.69 -8.14
CA ASN B 171 -12.70 15.51 -7.20
C ASN B 171 -12.23 14.06 -7.16
N THR B 172 -12.09 13.46 -8.33
CA THR B 172 -11.60 12.09 -8.47
C THR B 172 -10.26 12.06 -9.20
N TYR B 173 -9.63 10.90 -9.15
CA TYR B 173 -8.36 10.65 -9.82
C TYR B 173 -8.56 9.70 -10.99
N SER B 174 -7.52 9.56 -11.80
CA SER B 174 -7.53 8.61 -12.91
C SER B 174 -6.09 8.19 -13.19
N LEU B 175 -5.92 6.92 -13.55
CA LEU B 175 -4.60 6.33 -13.67
C LEU B 175 -4.58 5.36 -14.84
N SER B 176 -3.41 5.22 -15.46
CA SER B 176 -3.20 4.27 -16.55
C SER B 176 -1.95 3.45 -16.26
N SER B 177 -2.06 2.14 -16.47
CA SER B 177 -0.92 1.23 -16.38
C SER B 177 -0.62 0.73 -17.79
N THR B 178 0.52 1.15 -18.32
CA THR B 178 0.91 0.85 -19.69
C THR B 178 1.96 -0.26 -19.69
N LEU B 179 1.65 -1.36 -20.37
CA LEU B 179 2.56 -2.49 -20.49
C LEU B 179 3.23 -2.43 -21.85
N THR B 180 4.55 -2.19 -21.85
CA THR B 180 5.32 -2.12 -23.09
C THR B 180 6.08 -3.42 -23.25
N LEU B 181 5.87 -4.09 -24.38
CA LEU B 181 6.48 -5.37 -24.68
C LEU B 181 7.02 -5.37 -26.11
N SER B 182 7.81 -6.39 -26.42
CA SER B 182 8.22 -6.62 -27.79
C SER B 182 7.05 -7.21 -28.58
N SER B 183 6.99 -6.88 -29.87
CA SER B 183 5.88 -7.35 -30.69
C SER B 183 5.82 -8.87 -30.74
N THR B 184 6.97 -9.52 -30.89
CA THR B 184 7.00 -10.99 -30.96
C THR B 184 6.47 -11.62 -29.68
N GLU B 185 6.74 -11.00 -28.53
CA GLU B 185 6.24 -11.52 -27.26
C GLU B 185 4.73 -11.35 -27.15
N TYR B 186 4.17 -10.29 -27.75
CA TYR B 186 2.73 -10.07 -27.66
C TYR B 186 1.95 -11.11 -28.45
N GLN B 187 2.48 -11.56 -29.60
CA GLN B 187 1.80 -12.60 -30.36
C GLN B 187 1.93 -13.97 -29.72
N SER B 188 2.75 -14.13 -28.68
CA SER B 188 2.97 -15.44 -28.08
C SER B 188 1.82 -15.86 -27.18
N HIS B 189 1.29 -14.95 -26.39
CA HIS B 189 0.25 -15.25 -25.41
C HIS B 189 -1.12 -14.83 -25.93
N LYS B 190 -2.15 -15.51 -25.44
CA LYS B 190 -3.51 -15.32 -25.94
C LYS B 190 -4.27 -14.25 -25.16
N VAL B 191 -4.46 -14.45 -23.86
CA VAL B 191 -5.30 -13.57 -23.05
C VAL B 191 -4.40 -12.62 -22.27
N TYR B 192 -4.84 -11.36 -22.14
CA TYR B 192 -4.13 -10.34 -21.37
C TYR B 192 -5.13 -9.69 -20.44
N ALA B 193 -4.86 -9.80 -19.13
CA ALA B 193 -5.81 -9.35 -18.12
C ALA B 193 -5.22 -8.22 -17.29
N CYS B 194 -6.07 -7.27 -16.91
CA CYS B 194 -5.71 -6.16 -16.03
C CYS B 194 -6.57 -6.26 -14.78
N GLU B 195 -5.95 -6.62 -13.66
CA GLU B 195 -6.63 -6.83 -12.39
C GLU B 195 -6.32 -5.67 -11.46
N VAL B 196 -7.36 -5.01 -10.96
CA VAL B 196 -7.20 -3.84 -10.09
C VAL B 196 -7.85 -4.12 -8.74
N THR B 197 -7.24 -3.55 -7.69
CA THR B 197 -7.76 -3.65 -6.33
C THR B 197 -7.88 -2.26 -5.74
N HIS B 198 -9.11 -1.86 -5.40
CA HIS B 198 -9.38 -0.54 -4.84
C HIS B 198 -10.34 -0.72 -3.67
N GLN B 199 -10.18 0.14 -2.65
CA GLN B 199 -11.00 0.00 -1.44
C GLN B 199 -12.47 0.24 -1.71
N GLY B 200 -12.82 0.83 -2.85
CA GLY B 200 -14.20 0.90 -3.28
C GLY B 200 -14.70 -0.35 -3.97
N LEU B 201 -13.87 -1.39 -4.09
CA LEU B 201 -14.23 -2.63 -4.73
C LEU B 201 -14.19 -3.76 -3.72
N SER B 202 -15.25 -4.58 -3.70
CA SER B 202 -15.31 -5.70 -2.76
C SER B 202 -14.27 -6.76 -3.10
N SER B 203 -14.04 -7.00 -4.38
CA SER B 203 -13.07 -7.97 -4.86
C SER B 203 -12.37 -7.39 -6.08
N PRO B 204 -11.16 -7.87 -6.39
CA PRO B 204 -10.43 -7.34 -7.55
C PRO B 204 -11.20 -7.48 -8.85
N VAL B 205 -11.32 -6.37 -9.57
CA VAL B 205 -11.98 -6.36 -10.87
C VAL B 205 -10.93 -6.59 -11.95
N THR B 206 -11.25 -7.46 -12.91
CA THR B 206 -10.32 -7.85 -13.97
C THR B 206 -10.97 -7.60 -15.32
N LYS B 207 -10.24 -6.93 -16.21
CA LYS B 207 -10.67 -6.70 -17.59
C LYS B 207 -9.64 -7.34 -18.52
N SER B 208 -10.10 -8.25 -19.38
CA SER B 208 -9.21 -8.97 -20.26
C SER B 208 -9.74 -8.94 -21.70
N PHE B 209 -8.83 -9.24 -22.63
CA PHE B 209 -9.16 -9.33 -24.04
C PHE B 209 -8.35 -10.46 -24.66
N ASN B 210 -8.98 -11.22 -25.56
CA ASN B 210 -8.27 -12.28 -26.26
C ASN B 210 -7.57 -11.71 -27.48
N ARG B 211 -6.27 -11.98 -27.60
CA ARG B 211 -5.47 -11.42 -28.68
C ARG B 211 -5.98 -11.90 -30.03
N GLY B 212 -6.16 -10.97 -30.95
CA GLY B 212 -6.61 -11.29 -32.29
C GLY B 212 -8.11 -11.48 -32.44
N GLU B 213 -8.82 -11.79 -31.36
CA GLU B 213 -10.26 -12.02 -31.41
C GLU B 213 -10.95 -10.66 -31.52
N CYS B 214 -11.59 -10.41 -32.65
CA CYS B 214 -12.25 -9.12 -32.90
C CYS B 214 -13.52 -8.96 -32.06
N GLN C 1 -13.52 -42.35 10.65
CA GLN C 1 -12.54 -42.47 11.72
C GLN C 1 -11.13 -42.21 11.19
N VAL C 2 -10.99 -42.30 9.87
CA VAL C 2 -9.69 -42.18 9.20
C VAL C 2 -8.98 -40.90 9.64
N GLN C 3 -7.80 -41.06 10.23
CA GLN C 3 -7.00 -39.95 10.74
C GLN C 3 -5.72 -39.81 9.92
N LEU C 4 -5.28 -38.57 9.74
CA LEU C 4 -4.08 -38.27 8.96
C LEU C 4 -3.18 -37.38 9.79
N GLN C 5 -1.94 -37.82 10.00
CA GLN C 5 -0.94 -37.05 10.73
C GLN C 5 0.38 -37.11 9.97
N GLU C 6 0.96 -35.95 9.72
CA GLU C 6 2.20 -35.85 8.94
C GLU C 6 3.39 -35.69 9.88
N SER C 7 4.41 -36.51 9.65
CA SER C 7 5.64 -36.49 10.45
C SER C 7 6.75 -35.90 9.58
N GLY C 8 7.00 -34.61 9.75
CA GLY C 8 7.99 -33.92 8.95
C GLY C 8 8.98 -33.12 9.76
N PRO C 9 10.10 -32.75 9.13
CA PRO C 9 11.12 -31.97 9.84
C PRO C 9 10.69 -30.55 10.13
N GLY C 10 10.14 -29.87 9.13
CA GLY C 10 9.73 -28.49 9.25
C GLY C 10 10.76 -27.48 8.76
N LEU C 11 12.01 -27.91 8.60
CA LEU C 11 13.07 -27.06 8.09
C LEU C 11 13.82 -27.79 6.99
N VAL C 12 14.27 -27.02 5.99
CA VAL C 12 14.99 -27.58 4.84
C VAL C 12 15.85 -26.49 4.20
N LYS C 13 17.10 -26.82 3.92
CA LYS C 13 17.97 -25.90 3.20
C LYS C 13 17.43 -25.68 1.78
N PRO C 14 17.46 -24.46 1.26
CA PRO C 14 16.93 -24.22 -0.08
C PRO C 14 17.69 -25.02 -1.13
N SER C 15 16.95 -25.50 -2.13
CA SER C 15 17.45 -26.37 -3.18
C SER C 15 17.99 -27.70 -2.64
N GLU C 16 17.68 -28.01 -1.38
CA GLU C 16 17.86 -29.38 -0.89
C GLU C 16 16.66 -30.18 -1.34
N THR C 17 16.27 -31.20 -0.59
CA THR C 17 15.03 -31.90 -0.86
C THR C 17 14.31 -32.12 0.47
N LEU C 18 12.99 -31.96 0.44
CA LEU C 18 12.16 -32.10 1.63
C LEU C 18 11.32 -33.37 1.51
N SER C 19 11.05 -33.99 2.66
CA SER C 19 10.31 -35.24 2.70
C SER C 19 9.36 -35.22 3.88
N LEU C 20 8.07 -35.35 3.60
CA LEU C 20 7.03 -35.50 4.61
C LEU C 20 6.39 -36.87 4.45
N THR C 21 5.82 -37.36 5.55
CA THR C 21 5.20 -38.68 5.57
C THR C 21 3.85 -38.58 6.25
N CYS C 22 2.81 -39.09 5.59
CA CYS C 22 1.43 -39.01 6.07
C CYS C 22 1.02 -40.36 6.63
N ALA C 23 0.75 -40.41 7.94
CA ALA C 23 0.30 -41.63 8.59
C ALA C 23 -1.22 -41.69 8.62
N VAL C 24 -1.78 -42.77 8.10
CA VAL C 24 -3.23 -42.95 8.00
C VAL C 24 -3.68 -43.88 9.11
N SER C 25 -4.63 -43.41 9.92
CA SER C 25 -5.14 -44.17 11.06
C SER C 25 -6.65 -44.28 10.94
N GLY C 26 -7.14 -45.52 10.78
CA GLY C 26 -8.57 -45.77 10.70
C GLY C 26 -9.08 -46.14 9.32
N ASP C 27 -8.20 -46.30 8.33
CA ASP C 27 -8.63 -46.71 7.00
C ASP C 27 -7.40 -47.20 6.24
N SER C 28 -7.66 -48.03 5.22
CA SER C 28 -6.59 -48.56 4.40
C SER C 28 -6.18 -47.56 3.33
N ILE C 29 -4.88 -47.50 3.04
CA ILE C 29 -4.40 -46.69 1.92
C ILE C 29 -4.37 -47.47 0.62
N SER C 30 -4.67 -48.77 0.64
CA SER C 30 -4.55 -49.59 -0.55
C SER C 30 -5.52 -49.12 -1.64
N SER C 31 -6.82 -49.22 -1.37
CA SER C 31 -7.81 -48.89 -2.38
C SER C 31 -8.51 -47.55 -2.09
N ASN C 32 -7.72 -46.50 -1.87
CA ASN C 32 -8.26 -45.16 -1.71
C ASN C 32 -7.26 -44.17 -2.28
N TYR C 33 -7.77 -43.15 -2.96
CA TYR C 33 -6.91 -42.14 -3.56
C TYR C 33 -6.58 -41.06 -2.52
N TRP C 34 -5.32 -40.70 -2.44
CA TRP C 34 -4.84 -39.67 -1.52
C TRP C 34 -4.25 -38.52 -2.30
N SER C 35 -3.96 -37.42 -1.60
CA SER C 35 -3.44 -36.23 -2.24
C SER C 35 -2.60 -35.44 -1.25
N TRP C 36 -1.76 -34.56 -1.80
CA TRP C 36 -0.98 -33.61 -1.02
C TRP C 36 -1.36 -32.20 -1.44
N ILE C 37 -1.50 -31.31 -0.45
CA ILE C 37 -1.83 -29.91 -0.70
C ILE C 37 -0.94 -29.04 0.19
N ARG C 38 -0.36 -28.00 -0.40
CA ARG C 38 0.43 -27.04 0.33
C ARG C 38 -0.29 -25.70 0.39
N GLN C 39 0.08 -24.90 1.40
CA GLN C 39 -0.51 -23.58 1.57
C GLN C 39 0.52 -22.62 2.13
N PRO C 40 1.05 -21.70 1.33
CA PRO C 40 1.98 -20.69 1.85
C PRO C 40 1.29 -19.80 2.86
N PRO C 41 2.05 -19.15 3.75
CA PRO C 41 1.43 -18.36 4.81
C PRO C 41 0.63 -17.19 4.26
N GLY C 42 -0.61 -17.08 4.71
CA GLY C 42 -1.44 -15.93 4.40
C GLY C 42 -1.99 -15.89 3.00
N LYS C 43 -2.22 -17.04 2.38
CA LYS C 43 -2.79 -17.09 1.05
C LYS C 43 -3.50 -18.43 0.86
N GLY C 44 -4.04 -18.63 -0.33
CA GLY C 44 -4.84 -19.80 -0.61
C GLY C 44 -4.01 -21.06 -0.78
N LEU C 45 -4.71 -22.15 -1.07
CA LEU C 45 -4.09 -23.45 -1.28
C LEU C 45 -3.97 -23.76 -2.75
N GLU C 46 -3.01 -24.62 -3.08
CA GLU C 46 -2.88 -25.19 -4.42
C GLU C 46 -2.65 -26.69 -4.29
N TRP C 47 -3.33 -27.45 -5.14
CA TRP C 47 -3.28 -28.90 -5.08
C TRP C 47 -2.03 -29.43 -5.77
N ILE C 48 -1.26 -30.25 -5.06
CA ILE C 48 -0.02 -30.79 -5.62
C ILE C 48 -0.31 -31.95 -6.55
N GLY C 49 -0.86 -33.04 -6.01
CA GLY C 49 -1.15 -34.20 -6.83
C GLY C 49 -1.92 -35.29 -6.12
N ARG C 50 -2.73 -36.03 -6.86
CA ARG C 50 -3.47 -37.18 -6.36
C ARG C 50 -2.84 -38.46 -6.88
N PHE C 51 -3.13 -39.56 -6.18
CA PHE C 51 -2.52 -40.84 -6.51
C PHE C 51 -3.23 -41.93 -5.71
N SER C 52 -3.21 -43.14 -6.25
CA SER C 52 -3.63 -44.30 -5.47
C SER C 52 -2.55 -44.63 -4.44
N GLY C 53 -3.00 -45.18 -3.32
CA GLY C 53 -2.06 -45.53 -2.25
C GLY C 53 -1.40 -46.86 -2.47
N SER C 54 -2.12 -47.82 -3.04
CA SER C 54 -1.55 -49.14 -3.33
C SER C 54 -0.31 -49.00 -4.22
N GLY C 55 -0.49 -48.36 -5.37
CA GLY C 55 0.62 -48.07 -6.26
C GLY C 55 0.39 -46.79 -7.04
N GLY C 56 1.21 -46.54 -8.04
CA GLY C 56 1.08 -45.33 -8.84
C GLY C 56 -0.10 -45.33 -9.80
N SER C 57 -1.17 -44.66 -9.40
CA SER C 57 -2.23 -44.27 -10.32
C SER C 57 -2.30 -42.74 -10.30
N THR C 58 -1.18 -42.11 -10.60
CA THR C 58 -0.93 -40.73 -10.20
C THR C 58 -1.53 -39.73 -11.18
N ASP C 59 -1.92 -38.59 -10.63
CA ASP C 59 -2.32 -37.42 -11.40
C ASP C 59 -1.79 -36.20 -10.67
N PHE C 60 -0.81 -35.52 -11.25
CA PHE C 60 -0.16 -34.38 -10.63
C PHE C 60 -0.64 -33.07 -11.26
N ASN C 61 -0.59 -32.01 -10.47
CA ASN C 61 -0.55 -30.67 -11.03
C ASN C 61 0.74 -30.51 -11.82
N PRO C 62 0.67 -30.13 -13.10
CA PRO C 62 1.91 -30.03 -13.89
C PRO C 62 2.93 -29.05 -13.33
N SER C 63 2.47 -27.94 -12.73
CA SER C 63 3.38 -26.90 -12.25
C SER C 63 4.36 -27.43 -11.20
N LEU C 64 4.06 -28.56 -10.58
CA LEU C 64 4.95 -29.18 -9.61
C LEU C 64 5.49 -30.53 -10.07
N LYS C 65 4.94 -31.08 -11.17
CA LYS C 65 5.19 -32.47 -11.53
C LYS C 65 6.67 -32.75 -11.75
N SER C 66 7.40 -31.81 -12.34
CA SER C 66 8.83 -31.99 -12.54
C SER C 66 9.60 -32.06 -11.23
N ARG C 67 9.04 -31.50 -10.15
CA ARG C 67 9.74 -31.39 -8.88
C ARG C 67 9.32 -32.44 -7.84
N VAL C 68 8.28 -33.23 -8.13
CA VAL C 68 7.64 -34.07 -7.12
C VAL C 68 7.90 -35.54 -7.41
N THR C 69 8.25 -36.29 -6.36
CA THR C 69 8.25 -37.75 -6.35
C THR C 69 7.50 -38.23 -5.12
N ILE C 70 7.16 -39.53 -5.10
CA ILE C 70 6.29 -40.09 -4.08
C ILE C 70 6.87 -41.41 -3.57
N SER C 71 6.62 -41.69 -2.29
CA SER C 71 6.83 -43.00 -1.70
C SER C 71 5.53 -43.49 -1.07
N THR C 72 5.30 -44.80 -1.16
CA THR C 72 4.10 -45.42 -0.58
C THR C 72 4.52 -46.69 0.15
N ASP C 73 4.30 -46.72 1.46
CA ASP C 73 4.54 -47.92 2.27
C ASP C 73 3.16 -48.49 2.64
N THR C 74 2.76 -49.55 1.93
CA THR C 74 1.49 -50.19 2.23
C THR C 74 1.56 -51.00 3.52
N SER C 75 2.74 -51.48 3.89
CA SER C 75 2.86 -52.32 5.08
C SER C 75 2.77 -51.49 6.36
N LYS C 76 3.54 -50.40 6.45
CA LYS C 76 3.43 -49.48 7.57
C LYS C 76 2.25 -48.52 7.43
N ASN C 77 1.50 -48.62 6.33
CA ASN C 77 0.28 -47.84 6.12
C ASN C 77 0.55 -46.34 6.17
N GLN C 78 1.48 -45.90 5.33
CA GLN C 78 1.78 -44.47 5.21
C GLN C 78 2.44 -44.22 3.86
N PHE C 79 2.27 -43.00 3.37
CA PHE C 79 2.85 -42.59 2.10
C PHE C 79 3.60 -41.28 2.28
N SER C 80 4.60 -41.06 1.44
CA SER C 80 5.52 -39.94 1.57
C SER C 80 5.48 -39.07 0.33
N LEU C 81 5.89 -37.82 0.51
CA LEU C 81 6.03 -36.85 -0.57
C LEU C 81 7.42 -36.24 -0.50
N ASN C 82 8.14 -36.29 -1.63
CA ASN C 82 9.48 -35.72 -1.74
C ASN C 82 9.46 -34.60 -2.76
N LEU C 83 9.87 -33.41 -2.33
CA LEU C 83 9.97 -32.24 -3.20
C LEU C 83 11.44 -31.88 -3.38
N ARG C 84 11.88 -31.81 -4.63
CA ARG C 84 13.27 -31.54 -4.98
C ARG C 84 13.39 -30.14 -5.56
N SER C 85 14.62 -29.63 -5.56
CA SER C 85 14.91 -28.26 -6.01
C SER C 85 14.04 -27.24 -5.26
N VAL C 86 13.96 -27.42 -3.94
CA VAL C 86 13.10 -26.60 -3.11
C VAL C 86 13.60 -25.16 -3.08
N THR C 87 12.97 -24.29 -3.85
CA THR C 87 13.32 -22.88 -3.85
C THR C 87 12.75 -22.18 -2.62
N ALA C 88 13.12 -20.90 -2.47
CA ALA C 88 12.69 -20.13 -1.31
C ALA C 88 11.20 -19.82 -1.33
N ALA C 89 10.55 -19.94 -2.48
CA ALA C 89 9.13 -19.64 -2.59
C ALA C 89 8.24 -20.82 -2.20
N ASP C 90 8.82 -21.97 -1.87
CA ASP C 90 8.06 -23.16 -1.51
C ASP C 90 7.74 -23.24 -0.02
N THR C 91 7.75 -22.12 0.68
CA THR C 91 7.37 -22.09 2.08
C THR C 91 5.87 -22.28 2.21
N ALA C 92 5.45 -23.35 2.88
CA ALA C 92 4.03 -23.68 2.98
C ALA C 92 3.83 -24.72 4.07
N VAL C 93 2.60 -24.77 4.59
CA VAL C 93 2.16 -25.86 5.44
C VAL C 93 1.53 -26.93 4.56
N TYR C 94 2.09 -28.13 4.59
CA TYR C 94 1.68 -29.20 3.68
C TYR C 94 0.61 -30.06 4.34
N TYR C 95 -0.46 -30.32 3.59
CA TYR C 95 -1.56 -31.16 4.05
C TYR C 95 -1.65 -32.40 3.19
N CYS C 96 -1.83 -33.55 3.83
CA CYS C 96 -2.24 -34.76 3.13
C CYS C 96 -3.73 -34.99 3.36
N ALA C 97 -4.41 -35.46 2.34
CA ALA C 97 -5.86 -35.61 2.39
C ALA C 97 -6.27 -36.92 1.73
N LYS C 98 -7.55 -37.24 1.88
CA LYS C 98 -8.15 -38.40 1.23
C LYS C 98 -9.22 -37.93 0.26
N THR C 99 -9.18 -38.43 -0.96
CA THR C 99 -10.17 -38.09 -1.98
C THR C 99 -10.88 -39.34 -2.46
N TYR C 100 -12.17 -39.19 -2.71
CA TYR C 100 -13.02 -40.17 -3.35
C TYR C 100 -13.42 -39.78 -4.76
N SER C 101 -13.75 -38.50 -4.98
CA SER C 101 -14.18 -38.02 -6.29
C SER C 101 -13.42 -36.78 -6.73
N GLY C 102 -12.39 -36.37 -5.99
CA GLY C 102 -11.70 -35.12 -6.22
C GLY C 102 -11.85 -34.12 -5.10
N THR C 103 -12.93 -34.22 -4.33
CA THR C 103 -13.09 -33.45 -3.11
C THR C 103 -12.23 -34.07 -2.02
N PHE C 104 -11.74 -33.21 -1.12
CA PHE C 104 -10.87 -33.65 -0.03
C PHE C 104 -11.73 -33.88 1.21
N ASP C 105 -11.97 -35.16 1.51
CA ASP C 105 -12.86 -35.53 2.61
C ASP C 105 -12.22 -35.23 3.97
N TYR C 106 -11.11 -35.89 4.26
CA TYR C 106 -10.42 -35.75 5.54
C TYR C 106 -9.04 -35.16 5.30
N TRP C 107 -8.56 -34.42 6.29
CA TRP C 107 -7.33 -33.66 6.16
C TRP C 107 -6.34 -34.05 7.26
N GLY C 108 -5.06 -33.91 6.96
CA GLY C 108 -4.05 -33.97 7.98
C GLY C 108 -4.03 -32.71 8.82
N GLN C 109 -3.38 -32.80 9.98
CA GLN C 109 -3.28 -31.66 10.87
C GLN C 109 -2.46 -30.52 10.29
N GLY C 110 -1.75 -30.75 9.17
CA GLY C 110 -0.93 -29.72 8.58
C GLY C 110 0.43 -29.61 9.23
N VAL C 111 1.48 -29.53 8.41
CA VAL C 111 2.85 -29.40 8.89
C VAL C 111 3.53 -28.31 8.09
N LEU C 112 3.98 -27.26 8.77
CA LEU C 112 4.67 -26.16 8.12
C LEU C 112 6.13 -26.52 7.91
N VAL C 113 6.59 -26.40 6.67
CA VAL C 113 7.99 -26.60 6.32
C VAL C 113 8.52 -25.27 5.80
N THR C 114 9.63 -24.81 6.36
CA THR C 114 10.20 -23.52 6.04
C THR C 114 11.49 -23.71 5.23
N VAL C 115 11.66 -22.88 4.22
CA VAL C 115 12.84 -22.93 3.34
C VAL C 115 13.62 -21.64 3.53
N SER C 116 14.82 -21.75 4.10
CA SER C 116 15.69 -20.62 4.33
C SER C 116 17.07 -21.12 4.73
N SER C 117 18.11 -20.52 4.15
CA SER C 117 19.48 -20.91 4.45
C SER C 117 19.88 -20.34 5.80
N ALA C 118 19.79 -21.17 6.83
CA ALA C 118 20.14 -20.75 8.18
C ALA C 118 20.31 -21.97 9.05
N SER C 119 20.97 -21.78 10.19
CA SER C 119 21.11 -22.80 11.21
C SER C 119 20.17 -22.46 12.36
N THR C 120 20.59 -22.50 13.63
CA THR C 120 19.75 -22.08 14.73
C THR C 120 20.53 -21.12 15.62
N LYS C 121 19.89 -20.02 16.02
CA LYS C 121 20.54 -19.00 16.83
C LYS C 121 19.58 -18.49 17.89
N GLY C 122 20.14 -18.07 19.02
CA GLY C 122 19.36 -17.56 20.13
C GLY C 122 18.82 -16.17 19.84
N PRO C 123 17.67 -15.85 20.41
CA PRO C 123 17.06 -14.54 20.17
C PRO C 123 17.84 -13.43 20.86
N SER C 124 17.50 -12.19 20.48
CA SER C 124 18.10 -10.99 21.05
C SER C 124 16.97 -10.10 21.55
N VAL C 125 16.76 -10.10 22.87
CA VAL C 125 15.66 -9.38 23.48
C VAL C 125 16.09 -7.95 23.76
N PHE C 126 15.39 -6.99 23.16
CA PHE C 126 15.62 -5.57 23.39
C PHE C 126 14.37 -4.93 23.97
N PRO C 127 14.51 -3.99 24.90
CA PRO C 127 13.34 -3.32 25.46
C PRO C 127 12.80 -2.26 24.52
N LEU C 128 11.54 -1.90 24.74
CA LEU C 128 10.87 -0.83 24.00
C LEU C 128 10.35 0.17 25.02
N ALA C 129 11.04 1.33 25.11
CA ALA C 129 10.76 2.34 26.12
C ALA C 129 9.95 3.48 25.54
N PRO C 130 9.08 4.11 26.35
CA PRO C 130 8.28 5.27 25.94
C PRO C 130 9.16 6.46 25.53
N SER C 138 -1.70 9.78 30.20
CA SER C 138 -2.72 8.91 30.74
C SER C 138 -2.38 7.44 30.51
N THR C 139 -2.28 7.04 29.26
CA THR C 139 -1.98 5.66 28.87
C THR C 139 -0.68 5.61 28.08
N ALA C 140 0.21 4.71 28.48
CA ALA C 140 1.47 4.50 27.80
C ALA C 140 1.65 3.01 27.52
N ALA C 141 2.47 2.71 26.51
CA ALA C 141 2.70 1.34 26.07
C ALA C 141 4.18 1.08 25.94
N LEU C 142 4.59 -0.13 26.33
CA LEU C 142 5.98 -0.58 26.20
C LEU C 142 5.97 -1.99 25.66
N GLY C 143 7.16 -2.56 25.47
CA GLY C 143 7.25 -3.91 24.95
C GLY C 143 8.68 -4.37 24.85
N CYS C 144 8.86 -5.53 24.21
CA CYS C 144 10.16 -6.13 24.00
C CYS C 144 10.27 -6.61 22.57
N LEU C 145 11.51 -6.65 22.06
CA LEU C 145 11.79 -6.99 20.68
C LEU C 145 12.54 -8.32 20.63
N VAL C 146 11.93 -9.33 20.02
CA VAL C 146 12.55 -10.64 19.83
C VAL C 146 13.11 -10.65 18.41
N LYS C 147 14.43 -10.48 18.28
CA LYS C 147 15.07 -10.30 16.99
C LYS C 147 16.01 -11.46 16.69
N ASP C 148 16.00 -11.90 15.43
CA ASP C 148 16.95 -12.88 14.91
C ASP C 148 16.89 -14.20 15.65
N TYR C 149 15.92 -15.05 15.30
CA TYR C 149 15.88 -16.42 15.79
C TYR C 149 15.49 -17.35 14.66
N PHE C 150 15.56 -18.64 14.94
CA PHE C 150 15.29 -19.69 13.97
C PHE C 150 15.13 -21.02 14.71
N PRO C 151 14.30 -21.95 14.22
CA PRO C 151 13.43 -21.89 13.04
C PRO C 151 11.95 -21.83 13.36
N GLU C 152 11.57 -21.01 14.36
CA GLU C 152 10.20 -20.91 14.87
C GLU C 152 9.81 -22.20 15.60
N PRO C 153 8.92 -22.14 16.60
CA PRO C 153 8.23 -20.94 17.09
C PRO C 153 8.90 -20.34 18.32
N VAL C 154 8.14 -19.54 19.08
CA VAL C 154 8.64 -18.88 20.28
C VAL C 154 7.44 -18.47 21.12
N THR C 155 7.60 -18.52 22.44
CA THR C 155 6.55 -18.19 23.39
C THR C 155 7.00 -17.02 24.25
N VAL C 156 6.06 -16.12 24.55
CA VAL C 156 6.32 -14.93 25.36
C VAL C 156 5.21 -14.77 26.38
N SER C 157 5.59 -14.35 27.59
CA SER C 157 4.65 -13.95 28.62
C SER C 157 5.10 -12.60 29.17
N TRP C 158 4.35 -12.07 30.13
CA TRP C 158 4.65 -10.78 30.74
C TRP C 158 4.52 -10.88 32.26
N ASN C 159 5.59 -10.50 32.96
CA ASN C 159 5.66 -10.56 34.43
C ASN C 159 5.38 -11.97 34.92
N SER C 160 6.19 -12.91 34.43
CA SER C 160 6.07 -14.34 34.78
C SER C 160 4.68 -14.89 34.45
N GLY C 161 4.06 -14.36 33.40
CA GLY C 161 2.74 -14.81 33.02
C GLY C 161 1.63 -14.38 33.95
N SER C 162 1.86 -13.34 34.76
CA SER C 162 0.84 -12.90 35.71
C SER C 162 -0.22 -12.04 35.03
N LEU C 163 0.20 -11.01 34.29
CA LEU C 163 -0.72 -10.13 33.58
C LEU C 163 -0.70 -10.47 32.09
N THR C 164 -1.90 -10.48 31.49
CA THR C 164 -2.04 -10.74 30.06
C THR C 164 -3.07 -9.85 29.39
N SER C 165 -3.90 -9.11 30.13
CA SER C 165 -4.90 -8.25 29.52
C SER C 165 -4.23 -7.06 28.85
N GLY C 166 -4.57 -6.83 27.58
CA GLY C 166 -3.97 -5.79 26.79
C GLY C 166 -2.63 -6.12 26.19
N VAL C 167 -2.26 -7.40 26.13
CA VAL C 167 -0.98 -7.84 25.58
C VAL C 167 -1.22 -8.31 24.15
N HIS C 168 -0.57 -7.64 23.19
CA HIS C 168 -0.64 -8.03 21.79
C HIS C 168 0.73 -8.55 21.38
N THR C 169 0.88 -9.86 21.33
CA THR C 169 2.08 -10.47 20.76
C THR C 169 1.88 -10.66 19.26
N PHE C 170 2.96 -10.51 18.51
CA PHE C 170 2.78 -10.40 17.07
C PHE C 170 3.32 -11.63 16.34
N PRO C 171 2.75 -11.95 15.17
CA PRO C 171 3.32 -13.03 14.36
C PRO C 171 4.72 -12.68 13.90
N ALA C 172 5.52 -13.72 13.67
CA ALA C 172 6.93 -13.51 13.34
C ALA C 172 7.08 -13.01 11.90
N VAL C 173 8.12 -12.20 11.69
CA VAL C 173 8.40 -11.59 10.39
C VAL C 173 9.74 -12.14 9.90
N LEU C 174 9.72 -12.80 8.75
CA LEU C 174 10.94 -13.33 8.16
C LEU C 174 11.75 -12.19 7.57
N GLN C 175 12.84 -11.83 8.24
CA GLN C 175 13.69 -10.74 7.78
C GLN C 175 14.38 -11.12 6.47
N SER C 176 14.95 -10.11 5.82
CA SER C 176 15.67 -10.35 4.57
C SER C 176 16.89 -11.24 4.79
N SER C 177 17.46 -11.24 5.98
CA SER C 177 18.61 -12.06 6.31
C SER C 177 18.24 -13.48 6.69
N GLY C 178 17.07 -13.95 6.29
CA GLY C 178 16.65 -15.31 6.60
C GLY C 178 16.49 -15.59 8.08
N LEU C 179 16.04 -14.60 8.85
CA LEU C 179 15.84 -14.75 10.28
C LEU C 179 14.49 -14.15 10.66
N TYR C 180 13.91 -14.70 11.72
CA TYR C 180 12.61 -14.29 12.21
C TYR C 180 12.75 -13.24 13.31
N SER C 181 11.79 -12.32 13.36
CA SER C 181 11.83 -11.24 14.34
C SER C 181 10.40 -10.76 14.57
N LEU C 182 10.06 -10.54 15.84
CA LEU C 182 8.74 -10.06 16.21
C LEU C 182 8.86 -9.15 17.43
N SER C 183 7.72 -8.60 17.84
CA SER C 183 7.65 -7.73 19.01
C SER C 183 6.39 -8.04 19.79
N SER C 184 6.48 -7.97 21.11
CA SER C 184 5.35 -8.16 22.01
C SER C 184 5.18 -6.90 22.86
N VAL C 185 3.97 -6.37 22.91
CA VAL C 185 3.69 -5.11 23.57
C VAL C 185 2.55 -5.30 24.56
N VAL C 186 2.35 -4.29 25.40
CA VAL C 186 1.29 -4.29 26.40
C VAL C 186 0.95 -2.84 26.73
N THR C 187 -0.34 -2.57 26.93
CA THR C 187 -0.82 -1.24 27.27
C THR C 187 -1.26 -1.22 28.73
N VAL C 188 -0.71 -0.29 29.50
CA VAL C 188 -1.05 -0.15 30.92
C VAL C 188 -1.10 1.33 31.29
N PRO C 189 -1.82 1.74 32.35
CA PRO C 189 -1.85 3.16 32.71
C PRO C 189 -0.47 3.72 33.01
N SER C 190 -0.32 5.03 32.81
CA SER C 190 0.97 5.68 33.03
C SER C 190 1.32 5.74 34.51
N SER C 191 0.32 5.74 35.39
CA SER C 191 0.58 5.73 36.83
C SER C 191 1.12 4.39 37.31
N SER C 192 1.14 3.37 36.45
CA SER C 192 1.65 2.05 36.82
C SER C 192 3.16 1.91 36.66
N LEU C 193 3.82 2.90 36.05
CA LEU C 193 5.26 2.80 35.87
C LEU C 193 6.00 2.97 37.20
N GLY C 194 5.44 3.73 38.13
CA GLY C 194 6.08 3.95 39.41
C GLY C 194 5.80 2.85 40.42
N THR C 195 4.58 2.32 40.42
CA THR C 195 4.18 1.32 41.40
C THR C 195 4.48 -0.10 40.96
N GLN C 196 4.47 -0.37 39.65
CA GLN C 196 4.67 -1.72 39.13
C GLN C 196 5.98 -1.82 38.39
N THR C 197 6.45 -3.05 38.23
CA THR C 197 7.63 -3.37 37.44
C THR C 197 7.23 -4.33 36.33
N TYR C 198 7.90 -4.21 35.18
CA TYR C 198 7.53 -4.94 33.98
C TYR C 198 8.73 -5.72 33.46
N VAL C 199 8.58 -7.03 33.32
CA VAL C 199 9.59 -7.91 32.76
C VAL C 199 8.93 -8.78 31.69
N CYS C 200 9.61 -8.98 30.58
CA CYS C 200 9.14 -9.82 29.49
C CYS C 200 9.93 -11.12 29.49
N ASN C 201 9.22 -12.25 29.51
CA ASN C 201 9.82 -13.57 29.60
C ASN C 201 9.70 -14.27 28.26
N VAL C 202 10.84 -14.68 27.70
CA VAL C 202 10.88 -15.33 26.40
C VAL C 202 11.73 -16.60 26.53
N ASN C 203 11.23 -17.70 25.97
CA ASN C 203 12.00 -18.93 25.86
C ASN C 203 12.03 -19.38 24.41
N HIS C 204 13.06 -20.13 24.05
CA HIS C 204 13.24 -20.61 22.69
C HIS C 204 13.65 -22.08 22.76
N LYS C 205 12.79 -22.96 22.26
CA LYS C 205 13.04 -24.40 22.39
C LYS C 205 14.33 -24.84 21.70
N PRO C 206 14.60 -24.51 20.44
CA PRO C 206 15.85 -24.99 19.83
C PRO C 206 17.11 -24.40 20.45
N SER C 207 17.07 -23.11 20.82
CA SER C 207 18.27 -22.48 21.37
C SER C 207 18.43 -22.73 22.86
N ASN C 208 17.37 -23.15 23.55
CA ASN C 208 17.38 -23.40 24.99
C ASN C 208 17.77 -22.17 25.79
N THR C 209 17.61 -20.98 25.20
CA THR C 209 17.95 -19.73 25.86
C THR C 209 16.67 -19.04 26.31
N LYS C 210 16.56 -18.79 27.61
CA LYS C 210 15.38 -18.18 28.21
C LYS C 210 15.82 -16.92 28.95
N VAL C 211 15.50 -15.76 28.39
CA VAL C 211 15.97 -14.47 28.91
C VAL C 211 14.78 -13.69 29.45
N ASP C 212 14.97 -13.11 30.63
CA ASP C 212 14.01 -12.18 31.23
C ASP C 212 14.66 -10.82 31.33
N LYS C 213 14.05 -9.82 30.69
CA LYS C 213 14.61 -8.48 30.62
C LYS C 213 13.57 -7.47 31.11
N ARG C 214 14.00 -6.55 31.97
CA ARG C 214 13.12 -5.52 32.49
C ARG C 214 12.95 -4.40 31.47
N VAL C 215 11.77 -3.79 31.50
CA VAL C 215 11.43 -2.68 30.61
C VAL C 215 11.51 -1.40 31.46
N GLU C 216 12.61 -0.67 31.31
CA GLU C 216 12.87 0.51 32.13
C GLU C 216 12.67 1.77 31.31
N ILE C 217 12.08 2.78 31.95
CA ILE C 217 11.99 4.12 31.36
C ILE C 217 13.22 4.93 31.73
N ASP D 1 -5.53 -24.85 -15.77
CA ASP D 1 -6.49 -24.86 -16.88
C ASP D 1 -7.74 -24.05 -16.52
N ILE D 2 -8.50 -24.57 -15.56
CA ILE D 2 -9.71 -23.89 -15.08
C ILE D 2 -9.35 -23.00 -13.91
N GLN D 3 -9.86 -21.77 -13.91
CA GLN D 3 -9.56 -20.80 -12.87
C GLN D 3 -10.84 -20.35 -12.18
N MET D 4 -10.69 -20.01 -10.90
CA MET D 4 -11.82 -19.67 -10.04
C MET D 4 -11.77 -18.19 -9.66
N THR D 5 -12.93 -17.55 -9.66
CA THR D 5 -13.06 -16.16 -9.23
C THR D 5 -14.06 -16.11 -8.08
N GLN D 6 -13.55 -16.08 -6.85
CA GLN D 6 -14.36 -16.05 -5.65
C GLN D 6 -14.48 -14.63 -5.12
N SER D 7 -15.70 -14.23 -4.74
CA SER D 7 -15.97 -12.89 -4.26
C SER D 7 -17.05 -12.96 -3.21
N PRO D 8 -17.02 -12.09 -2.19
CA PRO D 8 -16.02 -11.03 -2.02
C PRO D 8 -14.69 -11.55 -1.47
N SER D 9 -13.60 -10.82 -1.72
CA SER D 9 -12.30 -11.23 -1.19
C SER D 9 -12.30 -11.23 0.33
N SER D 10 -13.05 -10.31 0.93
CA SER D 10 -13.24 -10.24 2.37
C SER D 10 -14.57 -9.55 2.63
N LEU D 11 -15.20 -9.90 3.75
CA LEU D 11 -16.53 -9.39 4.04
C LEU D 11 -16.64 -9.09 5.53
N SER D 12 -17.44 -8.07 5.85
CA SER D 12 -17.68 -7.63 7.21
C SER D 12 -19.15 -7.87 7.56
N ALA D 13 -19.40 -8.72 8.54
CA ALA D 13 -20.75 -8.99 9.00
C ALA D 13 -20.72 -9.31 10.48
N SER D 14 -21.89 -9.23 11.11
CA SER D 14 -22.04 -9.49 12.53
C SER D 14 -22.97 -10.68 12.75
N VAL D 15 -23.11 -11.09 14.01
CA VAL D 15 -23.95 -12.24 14.32
C VAL D 15 -25.39 -11.93 13.97
N GLY D 16 -26.07 -12.92 13.39
CA GLY D 16 -27.44 -12.77 12.96
C GLY D 16 -27.61 -12.36 11.52
N ASP D 17 -26.56 -11.86 10.89
CA ASP D 17 -26.64 -11.47 9.49
C ASP D 17 -26.68 -12.71 8.60
N ARG D 18 -27.16 -12.51 7.38
CA ARG D 18 -27.09 -13.54 6.35
C ARG D 18 -26.02 -13.13 5.35
N VAL D 19 -25.08 -14.04 5.08
CA VAL D 19 -23.92 -13.75 4.26
C VAL D 19 -23.88 -14.76 3.11
N THR D 20 -23.62 -14.25 1.90
CA THR D 20 -23.52 -15.07 0.70
C THR D 20 -22.13 -14.89 0.10
N ILE D 21 -21.48 -16.01 -0.20
CA ILE D 21 -20.14 -16.01 -0.79
C ILE D 21 -20.23 -16.71 -2.14
N THR D 22 -19.82 -16.01 -3.20
CA THR D 22 -19.97 -16.50 -4.56
C THR D 22 -18.63 -16.99 -5.10
N CYS D 23 -18.70 -17.76 -6.18
CA CYS D 23 -17.52 -18.39 -6.76
C CYS D 23 -17.82 -18.71 -8.22
N ARG D 24 -17.03 -18.13 -9.12
CA ARG D 24 -17.24 -18.29 -10.56
C ARG D 24 -16.09 -19.10 -11.17
N ALA D 25 -16.43 -19.98 -12.10
CA ALA D 25 -15.48 -20.86 -12.76
C ALA D 25 -15.20 -20.39 -14.18
N SER D 26 -13.98 -20.64 -14.64
CA SER D 26 -13.60 -20.24 -16.00
C SER D 26 -14.32 -21.05 -17.06
N GLN D 27 -14.70 -22.29 -16.75
CA GLN D 27 -15.45 -23.14 -17.66
C GLN D 27 -16.59 -23.80 -16.90
N ASP D 28 -17.42 -24.54 -17.65
CA ASP D 28 -18.53 -25.28 -17.04
C ASP D 28 -17.98 -26.34 -16.09
N ILE D 29 -18.51 -26.34 -14.87
CA ILE D 29 -18.01 -27.23 -13.83
C ILE D 29 -18.88 -28.48 -13.63
N ASN D 30 -20.12 -28.46 -14.10
CA ASN D 30 -21.03 -29.63 -14.01
C ASN D 30 -21.25 -30.03 -12.56
N ASN D 31 -21.48 -29.03 -11.70
CA ASN D 31 -21.83 -29.19 -10.28
C ASN D 31 -20.71 -29.81 -9.45
N TYR D 32 -19.50 -29.95 -9.99
CA TYR D 32 -18.37 -30.48 -9.23
C TYR D 32 -17.65 -29.36 -8.49
N LEU D 33 -18.31 -28.88 -7.44
CA LEU D 33 -17.79 -27.79 -6.62
C LEU D 33 -17.90 -28.16 -5.14
N SER D 34 -16.91 -27.72 -4.36
CA SER D 34 -16.85 -27.99 -2.94
C SER D 34 -16.54 -26.72 -2.17
N TRP D 35 -17.08 -26.62 -0.95
CA TRP D 35 -16.83 -25.51 -0.06
C TRP D 35 -16.07 -25.99 1.18
N TYR D 36 -15.20 -25.12 1.70
CA TYR D 36 -14.37 -25.44 2.86
C TYR D 36 -14.39 -24.28 3.84
N GLN D 37 -14.22 -24.61 5.13
CA GLN D 37 -14.07 -23.62 6.18
C GLN D 37 -12.71 -23.80 6.84
N GLN D 38 -11.94 -22.72 6.92
CA GLN D 38 -10.63 -22.75 7.57
C GLN D 38 -10.56 -21.67 8.63
N LYS D 39 -10.49 -22.06 9.89
CA LYS D 39 -10.20 -21.16 10.99
C LYS D 39 -8.69 -21.00 11.14
N PRO D 40 -8.24 -19.89 11.71
CA PRO D 40 -6.79 -19.62 11.77
C PRO D 40 -6.05 -20.69 12.56
N GLY D 41 -5.02 -21.25 11.92
CA GLY D 41 -4.17 -22.26 12.54
C GLY D 41 -4.65 -23.69 12.44
N LYS D 42 -5.62 -23.99 11.58
CA LYS D 42 -6.14 -25.33 11.43
C LYS D 42 -6.24 -25.70 9.97
N ALA D 43 -6.43 -26.99 9.72
CA ALA D 43 -6.64 -27.48 8.37
C ALA D 43 -8.03 -27.09 7.88
N PRO D 44 -8.22 -27.00 6.57
CA PRO D 44 -9.57 -26.69 6.05
C PRO D 44 -10.58 -27.75 6.47
N LYS D 45 -11.79 -27.29 6.74
CA LYS D 45 -12.89 -28.17 7.16
C LYS D 45 -13.94 -28.21 6.06
N PRO D 46 -14.22 -29.38 5.48
CA PRO D 46 -15.20 -29.44 4.40
C PRO D 46 -16.60 -29.13 4.90
N LEU D 47 -17.33 -28.33 4.12
CA LEU D 47 -18.70 -27.94 4.45
C LEU D 47 -19.70 -28.47 3.45
N ILE D 48 -19.43 -28.36 2.16
CA ILE D 48 -20.37 -28.73 1.11
C ILE D 48 -19.60 -29.45 0.00
N TYR D 49 -20.18 -30.53 -0.50
CA TYR D 49 -19.64 -31.25 -1.65
C TYR D 49 -20.72 -31.38 -2.71
N TYR D 50 -20.28 -31.42 -3.97
CA TYR D 50 -21.18 -31.46 -5.13
C TYR D 50 -22.16 -30.29 -5.10
N ALA D 51 -21.61 -29.09 -4.95
CA ALA D 51 -22.33 -27.83 -5.08
C ALA D 51 -23.34 -27.58 -3.97
N SER D 52 -24.20 -28.57 -3.66
CA SER D 52 -25.31 -28.35 -2.75
C SER D 52 -25.47 -29.41 -1.67
N SER D 53 -24.70 -30.50 -1.69
CA SER D 53 -24.86 -31.55 -0.68
C SER D 53 -24.05 -31.19 0.56
N LEU D 54 -24.71 -31.27 1.72
CA LEU D 54 -24.10 -30.85 2.98
C LEU D 54 -23.23 -31.95 3.55
N GLU D 55 -22.05 -31.56 4.04
CA GLU D 55 -21.16 -32.51 4.70
C GLU D 55 -21.75 -32.96 6.03
N THR D 56 -21.18 -34.04 6.58
CA THR D 56 -21.67 -34.60 7.82
C THR D 56 -21.33 -33.67 8.98
N GLY D 57 -22.30 -33.43 9.86
CA GLY D 57 -22.08 -32.63 11.04
C GLY D 57 -21.96 -31.15 10.81
N VAL D 58 -22.50 -30.64 9.71
CA VAL D 58 -22.47 -29.22 9.38
C VAL D 58 -23.87 -28.64 9.63
N PRO D 59 -24.00 -27.51 10.31
CA PRO D 59 -25.33 -26.99 10.64
C PRO D 59 -26.17 -26.68 9.41
N SER D 60 -27.49 -26.67 9.61
CA SER D 60 -28.43 -26.41 8.53
C SER D 60 -28.46 -24.94 8.10
N ARG D 61 -27.75 -24.06 8.83
CA ARG D 61 -27.65 -22.67 8.40
C ARG D 61 -26.95 -22.57 7.05
N PHE D 62 -26.07 -23.52 6.74
CA PHE D 62 -25.32 -23.52 5.50
C PHE D 62 -26.11 -24.20 4.39
N SER D 63 -26.09 -23.59 3.22
CA SER D 63 -26.73 -24.17 2.05
C SER D 63 -25.88 -23.89 0.82
N GLY D 64 -26.00 -24.76 -0.17
CA GLY D 64 -25.26 -24.61 -1.42
C GLY D 64 -26.24 -24.45 -2.57
N SER D 65 -25.80 -23.73 -3.60
CA SER D 65 -26.68 -23.39 -4.70
C SER D 65 -25.86 -23.23 -5.97
N ARG D 66 -26.55 -23.30 -7.11
CA ARG D 66 -25.94 -23.13 -8.41
C ARG D 66 -26.92 -22.42 -9.33
N SER D 67 -26.43 -21.39 -10.01
CA SER D 67 -27.19 -20.70 -11.05
C SER D 67 -26.23 -20.32 -12.16
N GLY D 68 -26.46 -20.85 -13.36
CA GLY D 68 -25.49 -20.66 -14.43
C GLY D 68 -24.15 -21.24 -14.05
N THR D 69 -23.11 -20.42 -14.13
CA THR D 69 -21.77 -20.80 -13.72
C THR D 69 -21.33 -20.11 -12.44
N ASP D 70 -22.27 -19.60 -11.65
CA ASP D 70 -21.97 -18.96 -10.38
C ASP D 70 -22.39 -19.88 -9.24
N TYR D 71 -21.48 -20.13 -8.29
CA TYR D 71 -21.74 -21.00 -7.15
C TYR D 71 -21.68 -20.18 -5.87
N THR D 72 -22.75 -20.23 -5.09
CA THR D 72 -22.91 -19.38 -3.91
C THR D 72 -23.06 -20.24 -2.66
N LEU D 73 -22.32 -19.88 -1.61
CA LEU D 73 -22.47 -20.45 -0.28
C LEU D 73 -23.11 -19.41 0.62
N THR D 74 -24.30 -19.72 1.13
CA THR D 74 -25.09 -18.77 1.92
C THR D 74 -25.27 -19.33 3.33
N ILE D 75 -24.88 -18.54 4.33
CA ILE D 75 -25.15 -18.85 5.73
C ILE D 75 -26.38 -18.05 6.14
N SER D 76 -27.47 -18.77 6.47
CA SER D 76 -28.74 -18.11 6.76
C SER D 76 -28.64 -17.23 8.00
N SER D 77 -28.18 -17.80 9.12
CA SER D 77 -28.01 -17.07 10.37
C SER D 77 -26.55 -17.19 10.80
N LEU D 78 -25.83 -16.08 10.69
CA LEU D 78 -24.41 -16.07 11.04
C LEU D 78 -24.24 -16.18 12.55
N GLN D 79 -23.14 -16.79 12.97
CA GLN D 79 -22.86 -17.02 14.38
C GLN D 79 -21.36 -16.89 14.63
N LEU D 80 -21.00 -16.92 15.92
CA LEU D 80 -19.60 -16.78 16.30
C LEU D 80 -18.73 -17.89 15.74
N GLU D 81 -19.29 -19.09 15.57
CA GLU D 81 -18.51 -20.21 15.06
C GLU D 81 -18.08 -20.02 13.62
N ASP D 82 -18.77 -19.16 12.87
CA ASP D 82 -18.63 -19.12 11.43
C ASP D 82 -17.62 -18.10 10.93
N PHE D 83 -17.06 -17.27 11.82
CA PHE D 83 -16.10 -16.25 11.40
C PHE D 83 -14.77 -16.94 11.11
N ALA D 84 -14.51 -17.17 9.83
CA ALA D 84 -13.30 -17.85 9.38
C ALA D 84 -13.08 -17.52 7.91
N THR D 85 -12.20 -18.27 7.25
CA THR D 85 -11.90 -18.10 5.84
C THR D 85 -12.53 -19.25 5.06
N TYR D 86 -13.25 -18.92 3.99
CA TYR D 86 -13.99 -19.89 3.21
C TYR D 86 -13.42 -19.99 1.80
N TYR D 87 -13.34 -21.22 1.29
CA TYR D 87 -12.77 -21.48 -0.02
C TYR D 87 -13.75 -22.29 -0.86
N CYS D 88 -13.62 -22.13 -2.18
CA CYS D 88 -14.37 -22.93 -3.15
C CYS D 88 -13.39 -23.64 -4.05
N GLN D 89 -13.69 -24.90 -4.38
CA GLN D 89 -12.81 -25.75 -5.15
C GLN D 89 -13.58 -26.43 -6.27
N GLN D 90 -12.90 -26.64 -7.40
CA GLN D 90 -13.43 -27.41 -8.50
C GLN D 90 -12.69 -28.73 -8.59
N TYR D 91 -13.42 -29.81 -8.85
CA TYR D 91 -12.84 -31.13 -9.07
C TYR D 91 -13.46 -31.77 -10.29
N ASN D 92 -13.78 -30.95 -11.30
CA ASN D 92 -14.33 -31.48 -12.54
C ASN D 92 -13.24 -32.06 -13.43
N ASN D 93 -12.07 -31.43 -13.47
CA ASN D 93 -10.95 -31.95 -14.23
C ASN D 93 -9.65 -31.41 -13.64
N SER D 94 -8.59 -32.21 -13.76
CA SER D 94 -7.29 -31.83 -13.26
C SER D 94 -6.67 -30.75 -14.15
N PRO D 95 -5.89 -29.82 -13.58
CA PRO D 95 -5.56 -29.70 -12.16
C PRO D 95 -6.65 -29.02 -11.33
N TYR D 96 -6.72 -29.38 -10.04
CA TYR D 96 -7.76 -28.88 -9.16
C TYR D 96 -7.39 -27.46 -8.70
N SER D 97 -8.10 -26.46 -9.21
CA SER D 97 -7.89 -25.09 -8.82
C SER D 97 -8.75 -24.74 -7.60
N PHE D 98 -8.29 -23.75 -6.84
CA PHE D 98 -8.98 -23.30 -5.63
C PHE D 98 -9.37 -21.83 -5.76
N GLY D 99 -10.44 -21.47 -5.06
CA GLY D 99 -10.82 -20.07 -4.98
C GLY D 99 -9.87 -19.27 -4.12
N GLN D 100 -9.86 -17.96 -4.34
CA GLN D 100 -8.96 -17.08 -3.59
C GLN D 100 -9.32 -17.02 -2.12
N GLY D 101 -10.59 -17.17 -1.78
CA GLY D 101 -10.97 -17.21 -0.37
C GLY D 101 -11.63 -15.94 0.10
N THR D 102 -12.50 -16.08 1.11
CA THR D 102 -13.24 -14.96 1.68
C THR D 102 -13.06 -14.98 3.20
N LYS D 103 -12.57 -13.88 3.75
CA LYS D 103 -12.37 -13.72 5.19
C LYS D 103 -13.59 -13.03 5.76
N VAL D 104 -14.33 -13.73 6.62
CA VAL D 104 -15.53 -13.18 7.26
C VAL D 104 -15.10 -12.57 8.59
N GLU D 105 -15.03 -11.25 8.63
CA GLU D 105 -14.62 -10.50 9.81
C GLU D 105 -15.85 -9.94 10.53
N ILE D 106 -15.86 -10.08 11.86
CA ILE D 106 -16.98 -9.59 12.65
C ILE D 106 -16.93 -8.07 12.71
N LYS D 107 -18.08 -7.43 12.47
CA LYS D 107 -18.14 -5.98 12.34
C LYS D 107 -18.41 -5.33 13.69
N ARG D 108 -17.50 -4.45 14.12
CA ARG D 108 -17.67 -3.61 15.29
C ARG D 108 -17.92 -2.17 14.84
N THR D 109 -17.92 -1.26 15.80
CA THR D 109 -17.95 0.16 15.51
C THR D 109 -16.53 0.70 15.38
N VAL D 110 -16.37 1.74 14.56
CA VAL D 110 -15.04 2.23 14.20
C VAL D 110 -14.29 2.71 15.44
N ALA D 111 -13.00 2.42 15.47
CA ALA D 111 -12.12 2.83 16.58
C ALA D 111 -10.76 3.19 16.02
N ALA D 112 -10.25 4.36 16.40
CA ALA D 112 -8.99 4.87 15.90
C ALA D 112 -7.81 4.20 16.61
N PRO D 113 -6.69 4.04 15.93
CA PRO D 113 -5.54 3.36 16.55
C PRO D 113 -4.79 4.27 17.52
N SER D 114 -4.38 3.69 18.64
CA SER D 114 -3.46 4.36 19.54
C SER D 114 -2.04 4.16 19.01
N VAL D 115 -1.39 5.25 18.60
CA VAL D 115 -0.13 5.19 17.87
C VAL D 115 1.03 5.44 18.82
N PHE D 116 1.97 4.50 18.83
CA PHE D 116 3.17 4.61 19.65
C PHE D 116 4.39 4.28 18.79
N ILE D 117 5.47 5.04 19.00
CA ILE D 117 6.74 4.81 18.33
C ILE D 117 7.77 4.49 19.39
N PHE D 118 8.63 3.52 19.10
CA PHE D 118 9.62 3.06 20.07
C PHE D 118 11.03 3.35 19.56
N PRO D 119 11.79 4.24 20.22
CA PRO D 119 13.18 4.42 19.84
C PRO D 119 14.00 3.23 20.30
N PRO D 120 15.06 2.89 19.57
CA PRO D 120 15.86 1.72 19.93
C PRO D 120 16.60 1.90 21.25
N SER D 121 16.73 0.80 21.98
CA SER D 121 17.46 0.81 23.24
C SER D 121 18.91 1.17 23.01
N GLU D 122 19.53 1.75 24.05
CA GLU D 122 20.92 2.18 23.95
C GLU D 122 21.83 0.99 23.64
N ASP D 123 21.46 -0.20 24.10
CA ASP D 123 22.18 -1.42 23.73
C ASP D 123 21.99 -1.75 22.26
N GLN D 124 20.82 -1.43 21.69
CA GLN D 124 20.59 -1.74 20.29
C GLN D 124 21.34 -0.78 19.39
N VAL D 125 21.60 0.44 19.86
CA VAL D 125 22.44 1.36 19.10
C VAL D 125 23.87 0.82 19.02
N LYS D 126 24.35 0.27 20.14
CA LYS D 126 25.68 -0.34 20.21
C LYS D 126 25.71 -1.75 19.62
N SER D 127 24.57 -2.34 19.30
CA SER D 127 24.55 -3.71 18.79
C SER D 127 24.91 -3.81 17.30
N GLY D 128 24.87 -2.69 16.57
CA GLY D 128 25.23 -2.65 15.18
C GLY D 128 24.05 -2.70 14.23
N THR D 129 22.95 -3.34 14.64
CA THR D 129 21.75 -3.44 13.82
C THR D 129 20.58 -2.91 14.63
N VAL D 130 19.92 -1.88 14.10
CA VAL D 130 18.84 -1.23 14.80
C VAL D 130 17.50 -1.73 14.25
N SER D 131 16.41 -1.40 14.96
CA SER D 131 15.07 -1.78 14.53
C SER D 131 14.10 -0.80 15.19
N VAL D 132 13.65 0.19 14.43
CA VAL D 132 12.67 1.15 14.93
C VAL D 132 11.28 0.55 14.78
N VAL D 133 10.53 0.52 15.87
CA VAL D 133 9.23 -0.14 15.92
C VAL D 133 8.15 0.91 16.13
N CYS D 134 7.13 0.90 15.27
CA CYS D 134 5.98 1.78 15.37
C CYS D 134 4.73 0.94 15.60
N LEU D 135 3.92 1.32 16.58
CA LEU D 135 2.79 0.52 17.01
C LEU D 135 1.48 1.23 16.68
N LEU D 136 0.54 0.48 16.09
CA LEU D 136 -0.83 0.91 15.90
C LEU D 136 -1.71 -0.05 16.69
N ASN D 137 -2.25 0.41 17.81
CA ASN D 137 -2.91 -0.46 18.78
C ASN D 137 -4.43 -0.26 18.76
N ASN D 138 -5.16 -1.37 18.72
CA ASN D 138 -6.61 -1.41 18.87
C ASN D 138 -7.32 -0.47 17.89
N PHE D 139 -7.53 -0.94 16.66
CA PHE D 139 -8.21 -0.14 15.65
C PHE D 139 -9.10 -1.02 14.80
N TYR D 140 -10.01 -0.36 14.07
CA TYR D 140 -10.96 -0.98 13.17
C TYR D 140 -11.33 0.07 12.15
N PRO D 141 -11.45 -0.27 10.85
CA PRO D 141 -11.37 -1.61 10.23
C PRO D 141 -9.98 -2.24 10.18
N ARG D 142 -9.85 -3.26 9.32
CA ARG D 142 -8.67 -4.10 9.31
C ARG D 142 -7.41 -3.30 8.99
N GLU D 143 -7.39 -2.62 7.86
CA GLU D 143 -6.14 -2.13 7.31
C GLU D 143 -6.03 -0.62 7.45
N ALA D 144 -4.83 -0.18 7.80
CA ALA D 144 -4.42 1.22 7.77
C ALA D 144 -3.10 1.30 7.02
N SER D 145 -2.73 2.51 6.62
CA SER D 145 -1.50 2.72 5.87
C SER D 145 -0.49 3.42 6.76
N VAL D 146 0.76 2.96 6.69
CA VAL D 146 1.83 3.47 7.54
C VAL D 146 3.02 3.83 6.67
N LYS D 147 3.55 5.03 6.88
CA LYS D 147 4.72 5.51 6.15
C LYS D 147 5.82 5.89 7.13
N TRP D 148 7.06 5.79 6.66
CA TRP D 148 8.26 6.04 7.46
C TRP D 148 8.99 7.26 6.90
N LYS D 149 8.96 8.37 7.64
CA LYS D 149 9.70 9.57 7.28
C LYS D 149 10.98 9.58 8.13
N VAL D 150 12.09 9.26 7.48
CA VAL D 150 13.40 9.27 8.12
C VAL D 150 14.06 10.61 7.83
N ASP D 151 14.54 11.27 8.89
CA ASP D 151 15.09 12.62 8.78
C ASP D 151 14.09 13.54 8.10
N GLY D 152 14.14 13.63 6.78
CA GLY D 152 13.18 14.47 6.08
C GLY D 152 12.11 13.73 5.32
N ALA D 153 12.53 12.86 4.39
CA ALA D 153 11.67 12.23 3.42
C ALA D 153 11.45 10.76 3.77
N LEU D 154 10.79 10.05 2.87
CA LEU D 154 10.39 8.66 3.10
C LEU D 154 11.61 7.75 2.94
N LYS D 155 11.40 6.46 3.22
CA LYS D 155 12.46 5.48 3.11
C LYS D 155 12.24 4.56 1.91
N THR D 156 13.32 3.90 1.51
CA THR D 156 13.35 3.03 0.33
C THR D 156 12.73 1.66 0.61
N GLY D 157 11.61 1.61 1.32
CA GLY D 157 10.91 0.36 1.51
C GLY D 157 11.51 -0.61 2.49
N ASN D 158 12.27 -0.13 3.48
CA ASN D 158 12.90 -1.01 4.45
C ASN D 158 11.99 -1.31 5.64
N SER D 159 10.69 -1.10 5.49
CA SER D 159 9.72 -1.35 6.54
C SER D 159 9.18 -2.78 6.43
N GLN D 160 8.69 -3.28 7.55
CA GLN D 160 8.11 -4.62 7.63
C GLN D 160 6.93 -4.57 8.59
N GLU D 161 5.75 -4.94 8.10
CA GLU D 161 4.52 -4.91 8.88
C GLU D 161 4.18 -6.29 9.41
N SER D 162 3.41 -6.30 10.49
CA SER D 162 2.98 -7.54 11.12
C SER D 162 1.65 -7.27 11.80
N VAL D 163 0.59 -7.91 11.30
CA VAL D 163 -0.77 -7.70 11.80
C VAL D 163 -1.19 -8.93 12.58
N THR D 164 -1.83 -8.70 13.72
CA THR D 164 -2.41 -9.79 14.49
C THR D 164 -3.79 -10.13 13.91
N GLU D 165 -4.33 -11.27 14.33
CA GLU D 165 -5.67 -11.62 13.91
C GLU D 165 -6.67 -10.81 14.73
N GLN D 166 -7.95 -10.95 14.39
CA GLN D 166 -8.99 -10.19 15.05
C GLN D 166 -9.01 -10.51 16.55
N ASP D 167 -9.15 -9.47 17.36
CA ASP D 167 -9.21 -9.68 18.80
C ASP D 167 -10.50 -10.41 19.15
N SER D 168 -10.47 -11.10 20.29
CA SER D 168 -11.61 -11.93 20.70
C SER D 168 -12.64 -11.14 21.51
N LYS D 169 -12.20 -10.20 22.35
CA LYS D 169 -13.12 -9.48 23.21
C LYS D 169 -13.69 -8.23 22.55
N ASP D 170 -12.87 -7.47 21.83
CA ASP D 170 -13.30 -6.21 21.23
C ASP D 170 -13.23 -6.21 19.71
N ASN D 171 -12.64 -7.24 19.09
CA ASN D 171 -12.61 -7.37 17.63
C ASN D 171 -11.87 -6.21 16.98
N THR D 172 -10.73 -5.84 17.54
CA THR D 172 -9.87 -4.81 16.99
C THR D 172 -8.55 -5.42 16.55
N TYR D 173 -7.78 -4.65 15.78
CA TYR D 173 -6.51 -5.11 15.25
C TYR D 173 -5.35 -4.33 15.87
N SER D 174 -4.14 -4.81 15.59
CA SER D 174 -2.92 -4.16 16.05
C SER D 174 -1.82 -4.48 15.05
N LEU D 175 -0.93 -3.50 14.83
CA LEU D 175 0.07 -3.60 13.77
C LEU D 175 1.37 -2.97 14.25
N SER D 176 2.48 -3.52 13.75
CA SER D 176 3.82 -2.98 14.01
C SER D 176 4.57 -2.83 12.70
N SER D 177 5.20 -1.68 12.50
CA SER D 177 6.06 -1.43 11.36
C SER D 177 7.49 -1.29 11.87
N THR D 178 8.34 -2.25 11.53
CA THR D 178 9.72 -2.27 12.01
C THR D 178 10.65 -1.80 10.90
N LEU D 179 11.37 -0.71 11.17
CA LEU D 179 12.34 -0.16 10.23
C LEU D 179 13.73 -0.56 10.72
N THR D 180 14.41 -1.41 9.96
CA THR D 180 15.73 -1.90 10.31
C THR D 180 16.79 -1.18 9.48
N LEU D 181 17.76 -0.58 10.16
CA LEU D 181 18.86 0.15 9.53
C LEU D 181 20.17 -0.29 10.17
N SER D 182 21.27 0.06 9.51
CA SER D 182 22.59 -0.14 10.10
C SER D 182 22.86 0.94 11.14
N SER D 183 23.62 0.58 12.17
CA SER D 183 23.95 1.53 13.23
C SER D 183 24.68 2.74 12.66
N THR D 184 25.62 2.52 11.73
CA THR D 184 26.31 3.63 11.09
C THR D 184 25.34 4.52 10.32
N GLU D 185 24.37 3.90 9.64
CA GLU D 185 23.35 4.67 8.93
C GLU D 185 22.34 5.29 9.89
N TYR D 186 22.02 4.60 10.98
CA TYR D 186 21.04 5.11 11.92
C TYR D 186 21.57 6.31 12.70
N GLN D 187 22.86 6.30 13.02
CA GLN D 187 23.47 7.42 13.73
C GLN D 187 23.62 8.65 12.83
N SER D 188 23.37 8.52 11.54
CA SER D 188 23.55 9.64 10.62
C SER D 188 22.38 10.62 10.71
N HIS D 189 21.16 10.11 10.83
CA HIS D 189 19.96 10.93 10.84
C HIS D 189 19.47 11.13 12.27
N LYS D 190 18.79 12.26 12.49
CA LYS D 190 18.34 12.63 13.83
C LYS D 190 16.90 12.18 14.09
N VAL D 191 15.96 12.62 13.27
CA VAL D 191 14.54 12.42 13.53
C VAL D 191 14.04 11.24 12.71
N TYR D 192 13.16 10.44 13.34
CA TYR D 192 12.51 9.31 12.69
C TYR D 192 11.02 9.40 12.98
N ALA D 193 10.22 9.51 11.93
CA ALA D 193 8.79 9.75 12.06
C ALA D 193 8.01 8.55 11.51
N CYS D 194 6.90 8.23 12.17
CA CYS D 194 5.99 7.18 11.74
C CYS D 194 4.63 7.81 11.48
N GLU D 195 4.23 7.88 10.21
CA GLU D 195 2.98 8.49 9.82
C GLU D 195 1.99 7.41 9.40
N VAL D 196 0.81 7.42 9.99
CA VAL D 196 -0.24 6.47 9.66
C VAL D 196 -1.45 7.23 9.17
N THR D 197 -2.17 6.62 8.24
CA THR D 197 -3.41 7.18 7.69
C THR D 197 -4.49 6.14 7.88
N HIS D 198 -5.50 6.47 8.69
CA HIS D 198 -6.58 5.55 8.99
C HIS D 198 -7.90 6.31 8.93
N GLN D 199 -8.94 5.65 8.42
CA GLN D 199 -10.22 6.32 8.24
C GLN D 199 -10.88 6.70 9.58
N GLY D 200 -10.42 6.13 10.68
CA GLY D 200 -10.82 6.58 11.99
C GLY D 200 -10.10 7.81 12.49
N LEU D 201 -9.19 8.34 11.67
CA LEU D 201 -8.42 9.53 12.00
C LEU D 201 -8.78 10.63 11.02
N SER D 202 -9.03 11.83 11.54
CA SER D 202 -9.42 12.94 10.67
C SER D 202 -8.29 13.31 9.71
N SER D 203 -7.05 13.27 10.18
CA SER D 203 -5.88 13.54 9.37
C SER D 203 -4.78 12.59 9.80
N PRO D 204 -3.81 12.31 8.94
CA PRO D 204 -2.75 11.37 9.30
C PRO D 204 -1.99 11.85 10.53
N VAL D 205 -1.90 10.98 11.52
CA VAL D 205 -1.18 11.28 12.76
C VAL D 205 0.26 10.79 12.63
N THR D 206 1.20 11.60 13.08
CA THR D 206 2.62 11.32 12.98
C THR D 206 3.24 11.35 14.37
N LYS D 207 4.01 10.30 14.69
CA LYS D 207 4.74 10.23 15.94
C LYS D 207 6.23 10.14 15.63
N SER D 208 7.00 11.08 16.19
CA SER D 208 8.42 11.18 15.94
C SER D 208 9.14 11.33 17.28
N PHE D 209 10.45 11.10 17.25
CA PHE D 209 11.27 11.24 18.45
C PHE D 209 12.60 11.88 18.08
N ASN D 210 13.05 12.81 18.93
CA ASN D 210 14.35 13.45 18.74
C ASN D 210 15.43 12.58 19.36
N ARG D 211 16.47 12.30 18.58
CA ARG D 211 17.51 11.37 18.99
C ARG D 211 18.27 11.88 20.21
N GLY D 212 18.42 11.01 21.21
CA GLY D 212 19.19 11.29 22.39
C GLY D 212 18.50 12.11 23.47
N GLU D 213 17.46 12.87 23.13
CA GLU D 213 16.81 13.74 24.10
C GLU D 213 15.94 12.89 25.04
N CYS D 214 16.30 12.86 26.31
CA CYS D 214 15.60 12.07 27.31
C CYS D 214 14.24 12.65 27.64
N VAL E 1 -35.33 -17.50 -32.26
CA VAL E 1 -36.21 -18.62 -32.51
C VAL E 1 -35.38 -19.89 -32.52
N GLU E 2 -34.10 -19.75 -32.83
CA GLU E 2 -33.22 -20.90 -33.00
C GLU E 2 -32.74 -21.37 -31.63
N CYS E 3 -33.13 -22.58 -31.24
CA CYS E 3 -32.61 -23.16 -30.01
C CYS E 3 -31.11 -23.29 -30.10
N ASP E 4 -30.42 -22.86 -29.04
CA ASP E 4 -28.96 -22.77 -29.06
C ASP E 4 -28.37 -24.12 -28.67
N PHE E 5 -27.81 -24.83 -29.65
CA PHE E 5 -27.14 -26.10 -29.43
C PHE E 5 -25.62 -25.96 -29.40
N SER E 6 -25.10 -24.73 -29.38
CA SER E 6 -23.66 -24.49 -29.46
C SER E 6 -22.86 -25.00 -28.26
N PRO E 7 -23.38 -24.95 -27.02
CA PRO E 7 -22.58 -25.49 -25.90
C PRO E 7 -22.30 -26.98 -26.02
N LEU E 8 -23.02 -27.70 -26.87
CA LEU E 8 -22.73 -29.12 -27.10
C LEU E 8 -21.48 -29.30 -27.95
N LEU E 9 -21.28 -28.43 -28.95
CA LEU E 9 -20.14 -28.50 -29.86
C LEU E 9 -18.93 -27.73 -29.33
N SER E 10 -18.70 -27.74 -28.04
CA SER E 10 -17.58 -27.00 -27.47
C SER E 10 -17.07 -27.69 -26.21
N GLY E 11 -15.75 -27.74 -26.06
CA GLY E 11 -15.17 -28.33 -24.88
C GLY E 11 -15.13 -29.85 -24.92
N THR E 12 -15.03 -30.45 -23.73
CA THR E 12 -14.98 -31.89 -23.59
C THR E 12 -16.33 -32.41 -23.13
N PRO E 13 -16.95 -33.33 -23.85
CA PRO E 13 -18.28 -33.83 -23.46
C PRO E 13 -18.21 -34.60 -22.16
N PRO E 14 -19.34 -34.72 -21.45
CA PRO E 14 -19.34 -35.48 -20.19
C PRO E 14 -19.46 -36.97 -20.41
N GLN E 15 -19.62 -37.73 -19.33
CA GLN E 15 -19.83 -39.16 -19.40
C GLN E 15 -21.32 -39.47 -19.25
N VAL E 16 -21.65 -40.76 -19.30
CA VAL E 16 -23.05 -41.17 -19.33
C VAL E 16 -23.71 -40.90 -17.97
N TYR E 17 -23.01 -41.17 -16.87
CA TYR E 17 -23.61 -41.03 -15.55
C TYR E 17 -23.74 -39.58 -15.10
N ASN E 18 -22.98 -38.66 -15.69
CA ASN E 18 -23.04 -37.23 -15.36
C ASN E 18 -23.25 -36.41 -16.62
N PHE E 19 -24.26 -36.78 -17.40
CA PHE E 19 -24.54 -36.10 -18.67
C PHE E 19 -24.93 -34.64 -18.43
N LYS E 20 -24.84 -33.85 -19.49
CA LYS E 20 -25.27 -32.46 -19.48
C LYS E 20 -26.60 -32.35 -20.23
N ARG E 21 -27.59 -31.78 -19.56
CA ARG E 21 -28.95 -31.68 -20.11
C ARG E 21 -29.23 -30.28 -20.60
N LEU E 22 -29.91 -30.19 -21.75
CA LEU E 22 -30.33 -28.93 -22.33
C LEU E 22 -31.86 -28.93 -22.47
N VAL E 23 -32.51 -28.00 -21.79
CA VAL E 23 -33.95 -27.80 -21.92
C VAL E 23 -34.19 -26.59 -22.80
N PHE E 24 -35.13 -26.71 -23.73
CA PHE E 24 -35.36 -25.69 -24.74
C PHE E 24 -36.82 -25.23 -24.68
N THR E 25 -37.03 -23.98 -24.28
CA THR E 25 -38.34 -23.35 -24.28
C THR E 25 -38.24 -22.01 -24.99
N ASN E 26 -39.34 -21.62 -25.64
CA ASN E 26 -39.42 -20.38 -26.41
C ASN E 26 -38.35 -20.35 -27.51
N CYS E 27 -38.27 -21.43 -28.28
CA CYS E 27 -37.32 -21.51 -29.38
C CYS E 27 -37.74 -22.63 -30.32
N ASN E 28 -37.31 -22.51 -31.57
CA ASN E 28 -37.48 -23.54 -32.58
C ASN E 28 -36.13 -24.14 -32.94
N TYR E 29 -36.18 -25.32 -33.55
CA TYR E 29 -34.98 -26.10 -33.84
C TYR E 29 -34.86 -26.35 -35.34
N ASN E 30 -33.69 -26.84 -35.75
CA ASN E 30 -33.43 -27.25 -37.13
C ASN E 30 -32.59 -28.52 -37.04
N LEU E 31 -33.25 -29.67 -37.05
CA LEU E 31 -32.55 -30.94 -36.85
C LEU E 31 -31.69 -31.30 -38.06
N THR E 32 -32.09 -30.88 -39.26
CA THR E 32 -31.26 -31.11 -40.43
C THR E 32 -29.95 -30.32 -40.35
N LYS E 33 -29.97 -29.19 -39.64
CA LYS E 33 -28.76 -28.39 -39.48
C LYS E 33 -27.77 -29.04 -38.53
N LEU E 34 -28.25 -29.87 -37.59
CA LEU E 34 -27.42 -30.48 -36.57
C LEU E 34 -26.94 -31.89 -36.96
N LEU E 35 -27.86 -32.76 -37.38
CA LEU E 35 -27.52 -34.15 -37.66
C LEU E 35 -26.52 -34.30 -38.79
N SER E 36 -26.30 -33.26 -39.60
CA SER E 36 -25.28 -33.31 -40.64
C SER E 36 -23.88 -33.10 -40.09
N LEU E 37 -23.74 -32.61 -38.86
CA LEU E 37 -22.44 -32.41 -38.24
C LEU E 37 -21.90 -33.66 -37.54
N PHE E 38 -22.71 -34.73 -37.47
CA PHE E 38 -22.31 -35.98 -36.84
C PHE E 38 -22.64 -37.15 -37.75
N SER E 39 -21.81 -38.19 -37.68
CA SER E 39 -22.14 -39.47 -38.31
C SER E 39 -23.17 -40.17 -37.44
N VAL E 40 -24.39 -40.31 -37.97
CA VAL E 40 -25.56 -40.58 -37.12
C VAL E 40 -25.64 -42.00 -36.60
N ASN E 41 -24.83 -42.92 -37.14
CA ASN E 41 -24.77 -44.32 -36.71
C ASN E 41 -26.14 -44.93 -36.42
N ASP E 42 -26.40 -45.30 -35.17
CA ASP E 42 -27.62 -45.98 -34.79
C ASP E 42 -28.49 -45.09 -33.92
N PHE E 43 -29.81 -45.28 -34.00
CA PHE E 43 -30.75 -44.51 -33.19
C PHE E 43 -32.06 -45.28 -33.07
N THR E 44 -32.90 -44.79 -32.16
CA THR E 44 -34.21 -45.39 -31.92
C THR E 44 -35.10 -44.34 -31.25
N CYS E 45 -36.41 -44.60 -31.28
CA CYS E 45 -37.40 -43.69 -30.70
C CYS E 45 -38.53 -44.50 -30.09
N SER E 46 -39.50 -43.80 -29.51
CA SER E 46 -40.64 -44.43 -28.85
C SER E 46 -41.89 -43.62 -29.10
N GLN E 47 -43.03 -44.32 -29.15
CA GLN E 47 -44.37 -43.83 -29.50
C GLN E 47 -44.45 -42.34 -29.81
N ILE E 48 -44.52 -42.00 -31.10
CA ILE E 48 -44.48 -40.59 -31.50
C ILE E 48 -45.86 -39.96 -31.50
N SER E 49 -46.88 -40.72 -31.90
CA SER E 49 -48.29 -40.34 -31.82
C SER E 49 -48.57 -39.14 -32.74
N PRO E 50 -48.68 -37.87 -32.32
CA PRO E 50 -48.57 -36.79 -33.32
C PRO E 50 -47.35 -36.92 -34.22
N ALA E 51 -47.48 -36.33 -35.41
CA ALA E 51 -46.63 -36.54 -36.58
C ALA E 51 -45.16 -36.83 -36.28
N ALA E 52 -44.32 -35.80 -36.30
CA ALA E 52 -42.88 -35.98 -36.27
C ALA E 52 -42.25 -35.17 -35.15
N ILE E 53 -41.06 -35.62 -34.73
CA ILE E 53 -40.28 -34.88 -33.74
C ILE E 53 -39.63 -33.64 -34.33
N ALA E 54 -39.56 -33.54 -35.65
CA ALA E 54 -38.99 -32.39 -36.34
C ALA E 54 -40.05 -31.59 -37.08
N SER E 55 -41.32 -31.80 -36.77
CA SER E 55 -42.40 -31.10 -37.45
C SER E 55 -43.61 -31.00 -36.51
N ASN E 56 -43.38 -30.57 -35.28
CA ASN E 56 -44.46 -30.41 -34.30
C ASN E 56 -44.02 -29.43 -33.23
N CYS E 57 -45.00 -28.82 -32.57
CA CYS E 57 -44.77 -27.89 -31.47
C CYS E 57 -44.98 -28.62 -30.15
N TYR E 58 -44.16 -28.29 -29.15
CA TYR E 58 -44.23 -28.93 -27.85
C TYR E 58 -44.10 -27.87 -26.76
N SER E 59 -44.28 -28.30 -25.52
CA SER E 59 -44.11 -27.40 -24.39
C SER E 59 -42.68 -27.38 -23.89
N SER E 60 -41.93 -28.45 -24.13
CA SER E 60 -40.53 -28.52 -23.72
C SER E 60 -39.80 -29.50 -24.62
N LEU E 61 -38.50 -29.29 -24.77
CA LEU E 61 -37.65 -30.16 -25.57
C LEU E 61 -36.37 -30.41 -24.77
N ILE E 62 -36.23 -31.61 -24.22
CA ILE E 62 -35.10 -31.98 -23.38
C ILE E 62 -34.10 -32.75 -24.22
N LEU E 63 -32.83 -32.34 -24.16
CA LEU E 63 -31.76 -33.00 -24.91
C LEU E 63 -30.61 -33.30 -23.95
N ASP E 64 -30.34 -34.58 -23.75
CA ASP E 64 -29.20 -35.03 -22.96
C ASP E 64 -28.11 -35.54 -23.90
N TYR E 65 -26.88 -35.09 -23.68
CA TYR E 65 -25.75 -35.54 -24.47
C TYR E 65 -24.62 -36.00 -23.55
N PHE E 66 -23.87 -36.98 -24.02
CA PHE E 66 -22.82 -37.60 -23.23
C PHE E 66 -21.96 -38.47 -24.14
N SER E 67 -20.73 -38.72 -23.69
CA SER E 67 -19.86 -39.65 -24.41
C SER E 67 -20.32 -41.08 -24.16
N TYR E 68 -20.51 -41.83 -25.24
CA TYR E 68 -20.96 -43.20 -25.12
C TYR E 68 -20.40 -44.03 -26.26
N PRO E 69 -19.72 -45.13 -25.96
CA PRO E 69 -19.17 -45.96 -27.04
C PRO E 69 -20.23 -46.86 -27.65
N LEU E 70 -20.13 -47.05 -28.97
CA LEU E 70 -21.04 -47.95 -29.67
C LEU E 70 -20.87 -49.40 -29.25
N SER E 71 -19.75 -49.73 -28.59
CA SER E 71 -19.52 -51.09 -28.13
C SER E 71 -20.63 -51.55 -27.20
N MET E 72 -21.10 -50.66 -26.32
CA MET E 72 -22.18 -50.95 -25.39
C MET E 72 -23.51 -50.42 -25.88
N LYS E 73 -23.72 -50.40 -27.20
CA LYS E 73 -25.02 -50.02 -27.75
C LYS E 73 -26.13 -50.92 -27.23
N SER E 74 -25.83 -52.20 -26.99
CA SER E 74 -26.84 -53.13 -26.51
C SER E 74 -27.37 -52.75 -25.13
N ASP E 75 -26.53 -52.12 -24.30
CA ASP E 75 -26.91 -51.76 -22.95
C ASP E 75 -27.78 -50.52 -22.88
N LEU E 76 -28.11 -49.90 -24.01
CA LEU E 76 -28.91 -48.69 -24.00
C LEU E 76 -30.39 -48.94 -24.22
N SER E 77 -30.75 -50.06 -24.84
CA SER E 77 -32.16 -50.39 -24.99
C SER E 77 -32.80 -50.63 -23.63
N VAL E 78 -34.08 -50.26 -23.52
CA VAL E 78 -34.77 -50.37 -22.24
C VAL E 78 -34.88 -51.83 -21.79
N SER E 79 -35.01 -52.75 -22.74
CA SER E 79 -35.14 -54.17 -22.44
C SER E 79 -33.77 -54.79 -22.13
N SER E 80 -33.14 -54.26 -21.08
CA SER E 80 -31.83 -54.74 -20.66
C SER E 80 -31.63 -54.45 -19.19
N ALA E 81 -31.05 -55.42 -18.49
CA ALA E 81 -30.67 -55.25 -17.09
C ALA E 81 -29.23 -54.78 -16.94
N GLY E 82 -28.65 -54.21 -17.99
CA GLY E 82 -27.28 -53.76 -17.96
C GLY E 82 -27.07 -52.62 -16.99
N PRO E 83 -25.81 -52.39 -16.61
CA PRO E 83 -25.53 -51.31 -15.64
C PRO E 83 -25.88 -49.93 -16.14
N ILE E 84 -26.02 -49.74 -17.46
CA ILE E 84 -26.34 -48.42 -17.99
C ILE E 84 -27.77 -48.04 -17.64
N SER E 85 -28.74 -48.88 -18.02
CA SER E 85 -30.14 -48.58 -17.75
C SER E 85 -30.48 -48.69 -16.27
N GLN E 86 -29.66 -49.38 -15.48
CA GLN E 86 -29.97 -49.58 -14.07
C GLN E 86 -29.40 -48.49 -13.17
N PHE E 87 -28.18 -48.03 -13.43
CA PHE E 87 -27.53 -47.07 -12.54
C PHE E 87 -27.03 -45.82 -13.23
N ASN E 88 -27.17 -45.70 -14.55
CA ASN E 88 -26.61 -44.55 -15.27
C ASN E 88 -27.70 -43.71 -15.92
N TYR E 89 -28.33 -44.18 -16.99
CA TYR E 89 -29.27 -43.37 -17.75
C TYR E 89 -30.48 -44.20 -18.13
N LYS E 90 -31.66 -43.80 -17.63
CA LYS E 90 -32.93 -44.41 -17.98
C LYS E 90 -33.87 -43.31 -18.44
N GLN E 91 -34.47 -43.50 -19.62
CA GLN E 91 -35.25 -42.44 -20.25
C GLN E 91 -36.71 -42.48 -19.80
N SER E 92 -37.45 -41.46 -20.22
CA SER E 92 -38.83 -41.30 -19.77
C SER E 92 -39.70 -42.44 -20.28
N PHE E 93 -40.59 -42.91 -19.41
CA PHE E 93 -41.44 -44.06 -19.74
C PHE E 93 -42.74 -43.65 -20.43
N SER E 94 -43.24 -42.45 -20.17
CA SER E 94 -44.55 -42.04 -20.66
C SER E 94 -44.46 -41.32 -22.00
N ASN E 95 -43.71 -40.23 -22.04
CA ASN E 95 -43.68 -39.34 -23.19
C ASN E 95 -42.88 -39.94 -24.34
N PRO E 96 -43.09 -39.44 -25.56
CA PRO E 96 -42.24 -39.87 -26.68
C PRO E 96 -40.79 -39.49 -26.45
N THR E 97 -39.91 -40.48 -26.57
CA THR E 97 -38.48 -40.29 -26.36
C THR E 97 -37.70 -40.86 -27.53
N CYS E 98 -36.50 -40.32 -27.74
CA CYS E 98 -35.56 -40.83 -28.73
C CYS E 98 -34.19 -40.95 -28.10
N LEU E 99 -33.32 -41.71 -28.75
CA LEU E 99 -31.96 -41.92 -28.27
C LEU E 99 -31.05 -42.15 -29.47
N ILE E 100 -30.04 -41.32 -29.62
CA ILE E 100 -29.18 -41.32 -30.81
C ILE E 100 -27.74 -41.55 -30.37
N LEU E 101 -27.05 -42.44 -31.08
CA LEU E 101 -25.61 -42.62 -30.96
C LEU E 101 -24.94 -42.05 -32.20
N ALA E 102 -23.85 -41.31 -32.00
CA ALA E 102 -23.20 -40.63 -33.12
C ALA E 102 -21.69 -40.66 -32.95
N THR E 103 -21.00 -40.18 -33.98
CA THR E 103 -19.55 -40.11 -34.01
C THR E 103 -19.12 -38.73 -34.47
N VAL E 104 -18.02 -38.24 -33.91
CA VAL E 104 -17.49 -36.92 -34.25
C VAL E 104 -16.61 -37.06 -35.49
N PRO E 105 -16.99 -36.46 -36.62
CA PRO E 105 -16.15 -36.55 -37.82
C PRO E 105 -14.88 -35.73 -37.68
N HIS E 106 -14.01 -35.86 -38.68
CA HIS E 106 -12.75 -35.12 -38.66
C HIS E 106 -12.94 -33.64 -38.94
N ASN E 107 -14.07 -33.26 -39.54
CA ASN E 107 -14.35 -31.86 -39.83
C ASN E 107 -14.77 -31.07 -38.60
N LEU E 108 -14.91 -31.72 -37.44
CA LEU E 108 -15.31 -31.06 -36.20
C LEU E 108 -14.13 -31.11 -35.24
N THR E 109 -13.50 -29.96 -35.01
CA THR E 109 -12.33 -29.87 -34.16
C THR E 109 -12.63 -29.29 -32.78
N THR E 110 -13.77 -28.63 -32.62
CA THR E 110 -14.07 -27.95 -31.35
C THR E 110 -14.21 -28.95 -30.21
N ILE E 111 -14.77 -30.12 -30.49
CA ILE E 111 -14.98 -31.14 -29.46
C ILE E 111 -13.68 -31.89 -29.23
N THR E 112 -13.12 -31.76 -28.03
CA THR E 112 -11.90 -32.44 -27.65
C THR E 112 -12.21 -33.67 -26.81
N LYS E 113 -11.50 -34.76 -27.09
CA LYS E 113 -11.88 -36.07 -26.58
C LYS E 113 -11.61 -36.19 -25.09
N PRO E 114 -12.43 -36.96 -24.37
CA PRO E 114 -12.08 -37.38 -23.02
C PRO E 114 -10.99 -38.44 -23.04
N LEU E 115 -10.50 -38.77 -21.84
CA LEU E 115 -9.46 -39.79 -21.73
C LEU E 115 -10.01 -41.18 -22.03
N LYS E 116 -11.10 -41.56 -21.36
CA LYS E 116 -11.75 -42.84 -21.59
C LYS E 116 -13.25 -42.67 -21.43
N TYR E 117 -13.98 -43.71 -21.79
CA TYR E 117 -15.40 -43.79 -21.45
C TYR E 117 -15.56 -44.29 -20.03
N SER E 118 -16.56 -43.78 -19.32
CA SER E 118 -16.74 -44.10 -17.91
C SER E 118 -18.21 -44.30 -17.61
N TYR E 119 -18.50 -45.24 -16.71
CA TYR E 119 -19.87 -45.47 -16.29
C TYR E 119 -19.87 -46.16 -14.93
N ILE E 120 -21.03 -46.15 -14.29
CA ILE E 120 -21.23 -46.76 -12.98
C ILE E 120 -21.80 -48.15 -13.19
N ASN E 121 -21.09 -49.18 -12.71
CA ASN E 121 -21.58 -50.54 -12.82
C ASN E 121 -22.47 -50.94 -11.65
N LYS E 122 -22.42 -50.20 -10.54
CA LYS E 122 -23.30 -50.46 -9.41
C LYS E 122 -23.31 -49.25 -8.49
N CYS E 123 -24.51 -48.87 -8.05
CA CYS E 123 -24.71 -47.80 -7.07
C CYS E 123 -25.63 -48.32 -5.99
N SER E 124 -25.11 -48.43 -4.76
CA SER E 124 -25.83 -49.11 -3.70
C SER E 124 -25.74 -48.29 -2.41
N ARG E 125 -26.68 -48.57 -1.51
CA ARG E 125 -26.79 -47.91 -0.21
C ARG E 125 -26.72 -48.96 0.89
N PHE E 126 -25.93 -48.68 1.92
CA PHE E 126 -25.80 -49.55 3.08
C PHE E 126 -26.55 -48.96 4.26
N LEU E 127 -27.26 -49.81 5.01
CA LEU E 127 -28.15 -49.38 6.08
C LEU E 127 -27.45 -49.27 7.43
N SER E 128 -26.25 -48.71 7.47
CA SER E 128 -25.50 -48.46 8.70
C SER E 128 -25.09 -49.73 9.43
N ASP E 129 -25.77 -50.85 9.15
CA ASP E 129 -25.37 -52.14 9.72
C ASP E 129 -24.22 -52.77 8.96
N ASP E 130 -23.81 -52.19 7.83
CA ASP E 130 -22.66 -52.62 7.04
C ASP E 130 -22.82 -54.06 6.53
N ARG E 131 -24.05 -54.57 6.48
CA ARG E 131 -24.32 -55.89 5.92
C ARG E 131 -25.50 -55.89 4.98
N THR E 132 -26.45 -54.98 5.14
CA THR E 132 -27.62 -54.90 4.29
C THR E 132 -27.36 -53.88 3.17
N GLU E 133 -27.39 -54.35 1.93
CA GLU E 133 -27.13 -53.53 0.77
C GLU E 133 -28.42 -53.30 0.00
N VAL E 134 -28.68 -52.03 -0.34
CA VAL E 134 -29.87 -51.66 -1.09
C VAL E 134 -29.44 -51.02 -2.40
N PRO E 135 -29.57 -51.69 -3.53
CA PRO E 135 -29.16 -51.10 -4.81
C PRO E 135 -30.01 -49.89 -5.15
N GLN E 136 -29.34 -48.77 -5.44
CA GLN E 136 -30.01 -47.50 -5.72
C GLN E 136 -30.12 -47.34 -7.24
N LEU E 137 -31.16 -47.95 -7.81
CA LEU E 137 -31.38 -47.87 -9.24
C LEU E 137 -31.83 -46.47 -9.63
N VAL E 138 -31.33 -45.99 -10.77
CA VAL E 138 -31.65 -44.65 -11.22
C VAL E 138 -33.09 -44.61 -11.73
N ASN E 139 -33.81 -43.55 -11.39
CA ASN E 139 -35.16 -43.35 -11.88
C ASN E 139 -35.13 -42.64 -13.23
N ALA E 140 -36.27 -42.66 -13.92
CA ALA E 140 -36.35 -42.12 -15.26
C ALA E 140 -36.15 -40.61 -15.26
N ASN E 141 -35.36 -40.13 -16.24
CA ASN E 141 -35.20 -38.71 -16.51
C ASN E 141 -34.49 -37.95 -15.39
N GLN E 142 -33.66 -38.63 -14.61
CA GLN E 142 -32.88 -37.94 -13.58
C GLN E 142 -31.57 -38.68 -13.37
N TYR E 143 -30.68 -38.03 -12.62
CA TYR E 143 -29.32 -38.52 -12.42
C TYR E 143 -29.29 -39.68 -11.42
N SER E 144 -28.16 -40.37 -11.40
CA SER E 144 -27.96 -41.43 -10.43
C SER E 144 -27.76 -40.85 -9.04
N PRO E 145 -28.21 -41.55 -7.99
CA PRO E 145 -27.96 -41.06 -6.62
C PRO E 145 -26.49 -41.04 -6.25
N CYS E 146 -25.61 -41.65 -7.04
CA CYS E 146 -24.19 -41.76 -6.72
C CYS E 146 -23.33 -40.73 -7.46
N VAL E 147 -23.95 -39.76 -8.13
CA VAL E 147 -23.17 -38.77 -8.86
C VAL E 147 -22.41 -37.84 -7.93
N SER E 148 -22.85 -37.71 -6.67
CA SER E 148 -22.17 -36.85 -5.71
C SER E 148 -20.92 -37.49 -5.13
N ILE E 149 -20.69 -38.77 -5.37
CA ILE E 149 -19.52 -39.47 -4.84
C ILE E 149 -18.59 -39.99 -5.93
N VAL E 150 -19.01 -39.97 -7.19
CA VAL E 150 -18.20 -40.47 -8.30
C VAL E 150 -17.57 -39.29 -9.01
N PRO E 151 -16.29 -39.35 -9.38
CA PRO E 151 -15.66 -38.22 -10.07
C PRO E 151 -16.31 -37.96 -11.43
N SER E 152 -15.90 -36.84 -12.03
CA SER E 152 -16.38 -36.51 -13.38
C SER E 152 -15.91 -37.51 -14.42
N THR E 153 -14.84 -38.24 -14.13
CA THR E 153 -14.37 -39.32 -14.99
C THR E 153 -13.79 -40.41 -14.10
N VAL E 154 -14.22 -41.65 -14.33
CA VAL E 154 -13.71 -42.76 -13.54
C VAL E 154 -12.21 -42.90 -13.77
N TRP E 155 -11.45 -42.87 -12.67
CA TRP E 155 -9.99 -42.78 -12.79
C TRP E 155 -9.40 -44.11 -13.25
N GLU E 156 -9.87 -45.23 -12.72
CA GLU E 156 -9.42 -46.54 -13.12
C GLU E 156 -10.59 -47.52 -13.11
N ASP E 157 -10.49 -48.55 -13.94
CA ASP E 157 -11.54 -49.56 -13.99
C ASP E 157 -11.58 -50.34 -12.69
N GLY E 158 -12.80 -50.59 -12.21
CA GLY E 158 -12.97 -51.32 -10.96
C GLY E 158 -12.80 -50.50 -9.71
N ASP E 159 -12.92 -49.18 -9.79
CA ASP E 159 -12.79 -48.33 -8.62
C ASP E 159 -14.05 -48.39 -7.77
N TYR E 160 -13.88 -48.11 -6.49
CA TYR E 160 -14.99 -48.01 -5.54
C TYR E 160 -14.96 -46.65 -4.86
N TYR E 161 -16.13 -46.02 -4.76
CA TYR E 161 -16.27 -44.68 -4.20
C TYR E 161 -17.25 -44.72 -3.05
N ARG E 162 -16.84 -44.22 -1.89
CA ARG E 162 -17.60 -44.34 -0.65
C ARG E 162 -17.72 -42.99 0.02
N LYS E 163 -18.94 -42.65 0.44
CA LYS E 163 -19.20 -41.48 1.28
C LYS E 163 -20.12 -41.93 2.41
N GLN E 164 -19.68 -41.69 3.65
CA GLN E 164 -20.54 -41.98 4.79
C GLN E 164 -21.64 -40.93 4.89
N LEU E 165 -22.89 -41.39 4.89
CA LEU E 165 -24.02 -40.48 4.98
C LEU E 165 -24.23 -40.06 6.43
N SER E 166 -24.84 -38.89 6.60
CA SER E 166 -25.17 -38.33 7.90
C SER E 166 -26.60 -38.66 8.27
N PRO E 167 -26.95 -38.58 9.56
CA PRO E 167 -28.31 -38.96 9.99
C PRO E 167 -29.43 -38.21 9.27
N LEU E 168 -29.20 -36.96 8.86
CA LEU E 168 -30.25 -36.26 8.12
C LEU E 168 -30.36 -36.78 6.69
N GLU E 169 -29.27 -37.32 6.14
CA GLU E 169 -29.33 -38.00 4.85
C GLU E 169 -29.85 -39.42 4.97
N GLY E 170 -30.01 -39.93 6.19
CA GLY E 170 -30.52 -41.26 6.44
C GLY E 170 -29.52 -42.18 7.09
N GLY E 171 -28.30 -41.72 7.30
CA GLY E 171 -27.25 -42.55 7.87
C GLY E 171 -26.76 -43.59 6.89
N GLY E 172 -25.90 -44.46 7.41
CA GLY E 172 -25.36 -45.52 6.59
C GLY E 172 -24.26 -45.03 5.66
N TRP E 173 -24.11 -45.70 4.52
CA TRP E 173 -23.07 -45.39 3.56
C TRP E 173 -23.65 -45.41 2.15
N LEU E 174 -22.89 -44.82 1.22
CA LEU E 174 -23.25 -44.79 -0.19
C LEU E 174 -22.05 -45.26 -0.99
N VAL E 175 -22.18 -46.42 -1.63
CA VAL E 175 -21.07 -47.09 -2.31
C VAL E 175 -21.40 -47.19 -3.80
N ALA E 176 -20.44 -46.80 -4.64
CA ALA E 176 -20.58 -46.88 -6.08
C ALA E 176 -19.30 -47.42 -6.69
N SER E 177 -19.45 -48.23 -7.73
CA SER E 177 -18.32 -48.81 -8.45
C SER E 177 -18.33 -48.32 -9.89
N GLY E 178 -17.15 -47.94 -10.38
CA GLY E 178 -17.00 -47.41 -11.73
C GLY E 178 -16.27 -48.38 -12.64
N SER E 179 -16.61 -48.32 -13.93
CA SER E 179 -15.97 -49.14 -14.95
C SER E 179 -15.62 -48.25 -16.13
N THR E 180 -14.50 -48.57 -16.79
CA THR E 180 -14.00 -47.77 -17.89
C THR E 180 -13.96 -48.60 -19.18
N VAL E 181 -14.36 -47.97 -20.27
CA VAL E 181 -14.24 -48.53 -21.61
C VAL E 181 -13.17 -47.73 -22.35
N ALA E 182 -12.28 -48.43 -23.05
CA ALA E 182 -11.19 -47.77 -23.75
C ALA E 182 -11.73 -46.81 -24.80
N MET E 183 -11.05 -45.67 -24.94
CA MET E 183 -11.47 -44.65 -25.90
C MET E 183 -11.29 -45.17 -27.32
N THR E 184 -12.21 -44.78 -28.20
CA THR E 184 -12.18 -45.19 -29.60
C THR E 184 -11.30 -44.22 -30.40
N GLU E 185 -11.05 -44.60 -31.67
CA GLU E 185 -10.24 -43.77 -32.53
C GLU E 185 -10.91 -42.44 -32.84
N GLN E 186 -12.25 -42.42 -32.82
CA GLN E 186 -13.02 -41.19 -32.93
C GLN E 186 -14.03 -41.15 -31.81
N LEU E 187 -14.30 -39.95 -31.29
CA LEU E 187 -15.19 -39.81 -30.14
C LEU E 187 -16.61 -40.19 -30.54
N GLN E 188 -17.17 -41.17 -29.82
CA GLN E 188 -18.54 -41.62 -30.03
C GLN E 188 -19.41 -41.11 -28.89
N MET E 189 -20.54 -40.51 -29.23
CA MET E 189 -21.41 -39.86 -28.23
C MET E 189 -22.82 -40.44 -28.30
N GLY E 190 -23.62 -40.06 -27.31
CA GLY E 190 -25.02 -40.45 -27.24
C GLY E 190 -25.93 -39.29 -26.92
N PHE E 191 -27.08 -39.20 -27.59
CA PHE E 191 -28.00 -38.07 -27.41
C PHE E 191 -29.39 -38.61 -27.07
N GLY E 192 -29.96 -38.09 -25.99
CA GLY E 192 -31.29 -38.48 -25.57
C GLY E 192 -32.27 -37.34 -25.61
N ILE E 193 -33.39 -37.52 -26.31
CA ILE E 193 -34.36 -36.45 -26.53
C ILE E 193 -35.68 -36.84 -25.88
N THR E 194 -36.27 -35.91 -25.12
CA THR E 194 -37.56 -36.10 -24.50
C THR E 194 -38.38 -34.83 -24.64
N VAL E 195 -39.68 -34.97 -24.87
CA VAL E 195 -40.58 -33.84 -25.02
C VAL E 195 -41.79 -34.04 -24.09
N GLN E 196 -42.17 -32.98 -23.40
CA GLN E 196 -43.32 -32.99 -22.49
C GLN E 196 -44.48 -32.25 -23.15
N TYR E 197 -45.51 -31.97 -22.35
CA TYR E 197 -46.72 -31.32 -22.86
C TYR E 197 -47.20 -30.26 -21.88
N GLY E 198 -47.93 -29.29 -22.41
CA GLY E 198 -48.47 -28.21 -21.60
C GLY E 198 -49.55 -27.49 -22.37
N THR E 199 -50.55 -26.99 -21.62
CA THR E 199 -51.69 -26.36 -22.26
C THR E 199 -51.42 -24.88 -22.56
N ASP E 200 -50.70 -24.19 -21.67
CA ASP E 200 -50.54 -22.75 -21.76
C ASP E 200 -49.42 -22.33 -22.70
N THR E 201 -48.71 -23.28 -23.33
CA THR E 201 -47.59 -22.91 -24.18
C THR E 201 -47.31 -24.03 -25.17
N ASN E 202 -46.94 -23.65 -26.40
CA ASN E 202 -46.53 -24.60 -27.43
C ASN E 202 -45.47 -23.95 -28.32
N SER E 203 -44.52 -23.24 -27.71
CA SER E 203 -43.56 -22.42 -28.44
C SER E 203 -42.27 -23.18 -28.78
N VAL E 204 -42.33 -24.51 -28.89
CA VAL E 204 -41.18 -25.30 -29.31
C VAL E 204 -41.52 -25.99 -30.62
N CYS E 205 -41.58 -25.22 -31.70
CA CYS E 205 -41.94 -25.73 -33.02
C CYS E 205 -40.66 -25.96 -33.84
N PRO E 206 -40.76 -26.47 -35.06
CA PRO E 206 -39.59 -26.48 -35.94
C PRO E 206 -39.42 -25.15 -36.67
N LYS E 207 -38.17 -24.83 -36.98
CA LYS E 207 -37.85 -23.59 -37.67
C LYS E 207 -38.15 -23.76 -39.16
N LEU E 208 -38.99 -22.88 -39.69
CA LEU E 208 -39.37 -22.94 -41.10
C LEU E 208 -38.88 -21.71 -41.85
N VAL F 1 13.54 16.07 38.84
CA VAL F 1 13.44 16.94 40.02
C VAL F 1 14.58 17.95 40.00
N GLU F 2 15.60 17.69 39.17
CA GLU F 2 16.74 18.56 39.05
C GLU F 2 16.62 19.40 37.79
N CYS F 3 16.85 20.71 37.91
CA CYS F 3 16.76 21.60 36.76
C CYS F 3 17.77 21.19 35.70
N ASP F 4 17.31 21.11 34.45
CA ASP F 4 18.11 20.59 33.35
C ASP F 4 18.72 21.76 32.57
N PHE F 5 20.04 21.92 32.69
CA PHE F 5 20.79 22.93 31.95
C PHE F 5 21.38 22.40 30.64
N SER F 6 20.87 21.26 30.15
CA SER F 6 21.45 20.59 28.98
C SER F 6 21.30 21.38 27.67
N PRO F 7 20.20 22.11 27.43
CA PRO F 7 20.12 22.87 26.16
C PRO F 7 21.23 23.89 25.99
N LEU F 8 21.90 24.30 27.07
CA LEU F 8 23.01 25.23 26.96
C LEU F 8 24.29 24.52 26.53
N LEU F 9 24.48 23.27 26.94
CA LEU F 9 25.71 22.53 26.70
C LEU F 9 25.69 21.74 25.40
N SER F 10 24.80 22.06 24.46
CA SER F 10 24.69 21.33 23.21
C SER F 10 24.39 22.29 22.07
N GLY F 11 24.98 22.01 20.91
CA GLY F 11 24.75 22.81 19.73
C GLY F 11 25.52 24.12 19.75
N THR F 12 25.05 25.07 18.95
CA THR F 12 25.64 26.39 18.86
C THR F 12 24.75 27.40 19.58
N PRO F 13 25.31 28.23 20.45
CA PRO F 13 24.49 29.23 21.14
C PRO F 13 24.12 30.36 20.19
N PRO F 14 23.03 31.07 20.47
CA PRO F 14 22.64 32.18 19.59
C PRO F 14 23.41 33.46 19.88
N GLN F 15 23.05 34.54 19.20
CA GLN F 15 23.69 35.83 19.43
C GLN F 15 22.95 36.60 20.52
N VAL F 16 23.39 37.83 20.78
CA VAL F 16 22.86 38.59 21.91
C VAL F 16 21.45 39.08 21.61
N TYR F 17 21.17 39.46 20.37
CA TYR F 17 19.87 40.03 20.04
C TYR F 17 18.78 38.98 19.88
N ASN F 18 19.14 37.71 19.73
CA ASN F 18 18.19 36.61 19.63
C ASN F 18 18.56 35.51 20.62
N PHE F 19 18.80 35.92 21.87
CA PHE F 19 19.27 35.00 22.89
C PHE F 19 18.24 33.90 23.16
N LYS F 20 18.74 32.75 23.63
CA LYS F 20 17.89 31.66 24.06
C LYS F 20 17.64 31.78 25.56
N ARG F 21 16.39 31.54 25.97
CA ARG F 21 15.97 31.72 27.35
C ARG F 21 15.48 30.40 27.91
N LEU F 22 15.87 30.11 29.16
CA LEU F 22 15.46 28.90 29.87
C LEU F 22 14.81 29.30 31.17
N VAL F 23 13.56 28.88 31.37
CA VAL F 23 12.80 29.14 32.58
C VAL F 23 12.75 27.87 33.40
N PHE F 24 12.97 27.98 34.71
CA PHE F 24 13.06 26.83 35.60
C PHE F 24 12.01 26.95 36.69
N THR F 25 11.04 26.03 36.68
CA THR F 25 10.03 25.92 37.72
C THR F 25 9.87 24.46 38.12
N ASN F 26 9.59 24.25 39.41
CA ASN F 26 9.40 22.92 39.97
C ASN F 26 10.61 22.03 39.72
N CYS F 27 11.79 22.52 40.12
CA CYS F 27 13.02 21.75 40.01
C CYS F 27 14.05 22.36 40.94
N ASN F 28 15.12 21.59 41.18
CA ASN F 28 16.25 22.03 42.00
C ASN F 28 17.47 22.21 41.11
N TYR F 29 18.26 23.23 41.42
CA TYR F 29 19.42 23.61 40.61
C TYR F 29 20.70 23.46 41.41
N ASN F 30 21.82 23.50 40.68
CA ASN F 30 23.16 23.43 41.27
C ASN F 30 24.04 24.37 40.46
N LEU F 31 24.11 25.63 40.91
CA LEU F 31 24.82 26.66 40.14
C LEU F 31 26.32 26.41 40.12
N THR F 32 26.87 25.83 41.18
CA THR F 32 28.30 25.50 41.19
C THR F 32 28.62 24.41 40.18
N LYS F 33 27.68 23.50 39.94
CA LYS F 33 27.86 22.48 38.92
C LYS F 33 27.93 23.09 37.52
N LEU F 34 27.22 24.20 37.30
CA LEU F 34 27.21 24.84 35.99
C LEU F 34 28.45 25.70 35.78
N LEU F 35 28.74 26.59 36.73
CA LEU F 35 29.87 27.49 36.61
C LEU F 35 31.22 26.77 36.63
N SER F 36 31.25 25.50 37.04
CA SER F 36 32.49 24.73 36.99
C SER F 36 32.80 24.23 35.59
N LEU F 37 31.81 24.21 34.70
CA LEU F 37 32.00 23.78 33.32
C LEU F 37 32.41 24.91 32.40
N PHE F 38 32.48 26.15 32.90
CA PHE F 38 32.93 27.29 32.14
C PHE F 38 33.98 28.05 32.92
N SER F 39 35.02 28.51 32.23
CA SER F 39 35.99 29.42 32.82
C SER F 39 35.30 30.76 33.05
N VAL F 40 34.98 31.07 34.30
CA VAL F 40 34.25 32.29 34.62
C VAL F 40 35.23 33.45 34.69
N ASN F 41 34.98 34.48 33.87
CA ASN F 41 35.84 35.65 33.83
C ASN F 41 35.25 36.75 34.70
N ASP F 42 34.37 37.56 34.13
CA ASP F 42 33.74 38.67 34.82
C ASP F 42 32.26 38.36 35.06
N PHE F 43 31.71 38.95 36.11
CA PHE F 43 30.29 38.79 36.41
C PHE F 43 29.87 39.88 37.39
N THR F 44 28.57 40.15 37.42
CA THR F 44 28.01 41.12 38.34
C THR F 44 26.61 40.67 38.73
N CYS F 45 26.12 41.23 39.83
CA CYS F 45 24.76 41.00 40.29
C CYS F 45 24.24 42.30 40.90
N SER F 46 22.92 42.34 41.11
CA SER F 46 22.27 43.48 41.75
C SER F 46 21.13 42.98 42.62
N GLN F 47 20.93 43.64 43.76
CA GLN F 47 19.82 43.40 44.68
C GLN F 47 19.89 42.04 45.36
N ILE F 48 19.73 42.03 46.69
CA ILE F 48 19.35 40.85 47.46
C ILE F 48 18.43 41.33 48.59
N SER F 49 18.02 40.40 49.46
CA SER F 49 17.17 40.59 50.64
C SER F 49 16.66 39.25 51.19
N PRO F 50 16.37 38.23 50.35
CA PRO F 50 15.91 36.95 50.92
C PRO F 50 16.85 36.26 51.90
N ALA F 51 18.15 36.08 51.63
CA ALA F 51 18.92 36.63 50.52
C ALA F 51 19.97 35.65 50.00
N ALA F 52 19.99 35.45 48.68
CA ALA F 52 21.01 34.68 47.98
C ALA F 52 20.70 34.63 46.49
N ILE F 53 21.20 33.59 45.82
CA ILE F 53 20.79 33.24 44.47
C ILE F 53 21.00 31.75 44.30
N ALA F 54 21.90 31.19 45.13
CA ALA F 54 22.13 29.75 45.19
C ALA F 54 21.76 29.17 46.55
N SER F 55 21.02 29.93 47.36
CA SER F 55 20.63 29.46 48.69
C SER F 55 19.28 30.09 49.07
N ASN F 56 18.33 30.08 48.14
CA ASN F 56 17.00 30.62 48.39
C ASN F 56 16.02 30.00 47.41
N CYS F 57 14.75 29.99 47.81
CA CYS F 57 13.66 29.47 46.99
C CYS F 57 12.94 30.62 46.30
N TYR F 58 12.57 30.39 45.04
CA TYR F 58 11.83 31.38 44.26
C TYR F 58 10.70 30.68 43.53
N SER F 59 9.83 31.48 42.90
CA SER F 59 8.76 30.91 42.08
C SER F 59 9.27 30.51 40.70
N SER F 60 10.31 31.18 40.21
CA SER F 60 10.87 30.87 38.90
C SER F 60 12.30 31.39 38.85
N LEU F 61 13.10 30.76 37.98
CA LEU F 61 14.48 31.14 37.73
C LEU F 61 14.67 31.26 36.22
N ILE F 62 14.92 32.47 35.74
CA ILE F 62 15.07 32.73 34.32
C ILE F 62 16.55 32.83 33.99
N LEU F 63 16.98 32.13 32.94
CA LEU F 63 18.38 32.10 32.53
C LEU F 63 18.45 32.32 31.02
N ASP F 64 18.99 33.46 30.62
CA ASP F 64 19.25 33.76 29.22
C ASP F 64 20.74 33.53 28.92
N TYR F 65 21.03 32.87 27.81
CA TYR F 65 22.40 32.64 27.40
C TYR F 65 22.57 33.01 25.93
N PHE F 66 23.74 33.54 25.60
CA PHE F 66 24.06 34.00 24.25
C PHE F 66 25.56 34.17 24.14
N SER F 67 26.07 34.04 22.92
CA SER F 67 27.48 34.22 22.66
C SER F 67 27.82 35.71 22.68
N TYR F 68 28.80 36.08 23.50
CA TYR F 68 29.15 37.48 23.64
C TYR F 68 30.64 37.65 23.95
N PRO F 69 31.35 38.49 23.21
CA PRO F 69 32.78 38.65 23.45
C PRO F 69 33.07 39.54 24.64
N LEU F 70 34.15 39.22 25.35
CA LEU F 70 34.58 40.04 26.47
C LEU F 70 35.16 41.38 26.03
N SER F 71 35.39 41.57 24.73
CA SER F 71 35.89 42.85 24.25
C SER F 71 34.91 43.98 24.56
N MET F 72 33.61 43.70 24.42
CA MET F 72 32.56 44.67 24.71
C MET F 72 31.89 44.39 26.05
N LYS F 73 32.66 43.93 27.04
CA LYS F 73 32.09 43.57 28.33
C LYS F 73 31.46 44.77 29.03
N SER F 74 31.99 45.98 28.77
CA SER F 74 31.47 47.18 29.42
C SER F 74 30.10 47.58 28.91
N ASP F 75 29.72 47.14 27.70
CA ASP F 75 28.45 47.52 27.10
C ASP F 75 27.25 46.78 27.72
N LEU F 76 27.48 45.93 28.72
CA LEU F 76 26.40 45.17 29.33
C LEU F 76 25.80 45.86 30.56
N SER F 77 26.49 46.84 31.12
CA SER F 77 25.94 47.57 32.26
C SER F 77 24.76 48.41 31.83
N VAL F 78 23.82 48.60 32.76
CA VAL F 78 22.61 49.38 32.45
C VAL F 78 22.96 50.83 32.18
N SER F 79 24.00 51.35 32.84
CA SER F 79 24.39 52.75 32.68
C SER F 79 25.04 53.05 31.34
N SER F 80 25.20 52.06 30.47
CA SER F 80 25.84 52.26 29.18
C SER F 80 24.80 52.65 28.12
N ALA F 81 25.19 53.57 27.24
CA ALA F 81 24.37 53.97 26.12
C ALA F 81 24.69 53.19 24.85
N GLY F 82 25.43 52.09 24.96
CA GLY F 82 25.79 51.28 23.83
C GLY F 82 24.60 50.58 23.22
N PRO F 83 24.73 50.16 21.96
CA PRO F 83 23.59 49.51 21.29
C PRO F 83 23.14 48.22 21.94
N ILE F 84 24.00 47.57 22.73
CA ILE F 84 23.59 46.33 23.39
C ILE F 84 22.51 46.62 24.43
N SER F 85 22.76 47.59 25.31
CA SER F 85 21.76 47.95 26.31
C SER F 85 20.61 48.73 25.72
N GLN F 86 20.77 49.27 24.51
CA GLN F 86 19.73 50.09 23.89
C GLN F 86 18.82 49.30 22.96
N PHE F 87 19.37 48.38 22.17
CA PHE F 87 18.59 47.67 21.18
C PHE F 87 18.65 46.15 21.29
N ASN F 88 19.55 45.60 22.11
CA ASN F 88 19.79 44.16 22.11
C ASN F 88 19.28 43.51 23.40
N TYR F 89 19.91 43.78 24.55
CA TYR F 89 19.59 43.06 25.78
C TYR F 89 19.60 44.04 26.95
N LYS F 90 18.44 44.25 27.56
CA LYS F 90 18.30 45.00 28.80
C LYS F 90 17.63 44.11 29.83
N GLN F 91 18.28 43.96 30.98
CA GLN F 91 17.75 43.13 32.06
C GLN F 91 16.95 43.97 33.05
N SER F 92 16.25 43.27 33.94
CA SER F 92 15.31 43.93 34.84
C SER F 92 16.05 44.81 35.84
N PHE F 93 15.59 46.06 35.97
CA PHE F 93 16.19 46.98 36.93
C PHE F 93 15.60 46.85 38.31
N SER F 94 14.39 46.32 38.42
CA SER F 94 13.69 46.23 39.71
C SER F 94 14.03 44.94 40.44
N ASN F 95 13.79 43.80 39.79
CA ASN F 95 14.04 42.51 40.41
C ASN F 95 15.54 42.26 40.56
N PRO F 96 15.93 41.39 41.49
CA PRO F 96 17.36 41.03 41.61
C PRO F 96 17.83 40.24 40.39
N THR F 97 18.84 40.78 39.71
CA THR F 97 19.37 40.18 38.50
C THR F 97 20.87 39.95 38.64
N CYS F 98 21.37 39.01 37.85
CA CYS F 98 22.79 38.75 37.74
C CYS F 98 23.19 38.75 36.27
N LEU F 99 24.49 38.78 36.02
CA LEU F 99 25.02 38.82 34.67
C LEU F 99 26.43 38.25 34.70
N ILE F 100 26.64 37.13 34.02
CA ILE F 100 27.89 36.38 34.08
C ILE F 100 28.51 36.33 32.69
N LEU F 101 29.81 36.57 32.64
CA LEU F 101 30.59 36.43 31.41
C LEU F 101 31.61 35.32 31.61
N ALA F 102 31.61 34.35 30.71
CA ALA F 102 32.52 33.20 30.82
C ALA F 102 32.99 32.82 29.43
N THR F 103 33.94 31.89 29.39
CA THR F 103 34.49 31.36 28.15
C THR F 103 34.27 29.86 28.10
N VAL F 104 34.00 29.35 26.90
CA VAL F 104 33.80 27.91 26.70
C VAL F 104 35.16 27.23 26.72
N PRO F 105 35.38 26.29 27.63
CA PRO F 105 36.71 25.67 27.74
C PRO F 105 37.05 24.81 26.54
N HIS F 106 38.34 24.49 26.42
CA HIS F 106 38.79 23.60 25.36
C HIS F 106 38.32 22.16 25.59
N ASN F 107 38.08 21.79 26.84
CA ASN F 107 37.55 20.47 27.16
C ASN F 107 36.04 20.39 27.04
N LEU F 108 35.38 21.46 26.62
CA LEU F 108 33.94 21.48 26.38
C LEU F 108 33.73 21.58 24.88
N THR F 109 33.66 20.42 24.22
CA THR F 109 33.60 20.34 22.77
C THR F 109 32.18 20.21 22.22
N THR F 110 31.20 19.91 23.07
CA THR F 110 29.82 19.74 22.59
C THR F 110 29.27 21.05 22.03
N ILE F 111 29.69 22.19 22.56
CA ILE F 111 29.28 23.49 22.06
C ILE F 111 30.22 23.89 20.93
N THR F 112 29.68 24.03 19.72
CA THR F 112 30.47 24.42 18.56
C THR F 112 30.44 25.93 18.39
N LYS F 113 31.59 26.49 18.00
CA LYS F 113 31.71 27.95 17.92
C LYS F 113 30.94 28.47 16.70
N PRO F 114 30.22 29.58 16.86
CA PRO F 114 29.65 30.26 15.68
C PRO F 114 30.75 30.88 14.85
N LEU F 115 30.36 31.39 13.68
CA LEU F 115 31.33 31.99 12.77
C LEU F 115 31.90 33.29 13.34
N LYS F 116 31.04 34.12 13.95
CA LYS F 116 31.47 35.42 14.44
C LYS F 116 30.39 35.95 15.39
N TYR F 117 30.76 36.97 16.15
CA TYR F 117 29.83 37.65 17.03
C TYR F 117 29.00 38.65 16.25
N SER F 118 27.74 38.82 16.66
CA SER F 118 26.81 39.69 15.97
C SER F 118 25.95 40.42 16.98
N TYR F 119 25.54 41.63 16.63
CA TYR F 119 24.62 42.41 17.46
C TYR F 119 23.96 43.47 16.59
N ILE F 120 22.93 44.09 17.15
CA ILE F 120 22.17 45.14 16.47
C ILE F 120 22.69 46.49 16.95
N ASN F 121 23.22 47.30 16.02
CA ASN F 121 23.69 48.63 16.37
C ASN F 121 22.60 49.68 16.29
N LYS F 122 21.50 49.40 15.61
CA LYS F 122 20.36 50.31 15.57
C LYS F 122 19.12 49.62 15.02
N CYS F 123 17.98 49.79 15.70
CA CYS F 123 16.71 49.21 15.29
C CYS F 123 15.64 50.30 15.39
N SER F 124 15.12 50.73 14.24
CA SER F 124 14.16 51.82 14.19
C SER F 124 13.05 51.48 13.22
N ARG F 125 11.89 52.12 13.42
CA ARG F 125 10.73 51.94 12.57
C ARG F 125 10.42 53.26 11.87
N PHE F 126 10.29 53.21 10.55
CA PHE F 126 9.96 54.38 9.75
C PHE F 126 8.47 54.36 9.43
N LEU F 127 7.86 55.55 9.39
CA LEU F 127 6.43 55.68 9.25
C LEU F 127 6.04 55.65 7.77
N SER F 128 4.78 55.99 7.48
CA SER F 128 4.27 55.91 6.11
C SER F 128 4.95 56.90 5.18
N ASP F 129 5.52 57.98 5.71
CA ASP F 129 6.18 58.97 4.88
C ASP F 129 7.62 58.61 4.55
N ASP F 130 8.16 57.54 5.14
CA ASP F 130 9.53 57.09 4.93
C ASP F 130 10.56 58.14 5.31
N ARG F 131 10.16 59.12 6.12
CA ARG F 131 11.08 60.14 6.62
C ARG F 131 11.13 60.22 8.14
N THR F 132 10.03 59.91 8.83
CA THR F 132 10.00 59.96 10.28
C THR F 132 10.56 58.66 10.84
N GLU F 133 11.66 58.75 11.57
CA GLU F 133 12.32 57.59 12.15
C GLU F 133 11.97 57.48 13.62
N VAL F 134 11.59 56.27 14.05
CA VAL F 134 11.25 56.03 15.45
C VAL F 134 12.17 54.95 16.00
N PRO F 135 13.15 55.31 16.83
CA PRO F 135 14.03 54.29 17.41
C PRO F 135 13.27 53.32 18.28
N GLN F 136 13.40 52.02 17.97
CA GLN F 136 12.68 50.97 18.68
C GLN F 136 13.59 50.45 19.80
N LEU F 137 13.60 51.18 20.91
CA LEU F 137 14.40 50.77 22.06
C LEU F 137 13.84 49.50 22.68
N VAL F 138 14.74 48.60 23.05
CA VAL F 138 14.33 47.33 23.65
C VAL F 138 13.95 47.55 25.11
N ASN F 139 12.91 46.86 25.56
CA ASN F 139 12.48 46.92 26.94
C ASN F 139 13.17 45.84 27.77
N ALA F 140 13.04 45.96 29.09
CA ALA F 140 13.66 45.01 29.99
C ALA F 140 13.03 43.63 29.85
N ASN F 141 13.87 42.61 29.68
CA ASN F 141 13.43 41.21 29.52
C ASN F 141 12.50 41.06 28.32
N GLN F 142 12.82 41.76 27.23
CA GLN F 142 12.11 41.61 25.97
C GLN F 142 13.12 41.53 24.83
N TYR F 143 12.64 41.09 23.68
CA TYR F 143 13.45 41.06 22.47
C TYR F 143 13.32 42.37 21.70
N SER F 144 14.26 42.59 20.79
CA SER F 144 14.19 43.77 19.94
C SER F 144 12.98 43.66 19.01
N PRO F 145 12.38 44.79 18.63
CA PRO F 145 11.30 44.74 17.63
C PRO F 145 11.79 44.31 16.26
N CYS F 146 13.08 44.46 15.95
CA CYS F 146 13.63 44.12 14.65
C CYS F 146 14.11 42.67 14.55
N VAL F 147 13.84 41.84 15.57
CA VAL F 147 14.32 40.46 15.52
C VAL F 147 13.66 39.70 14.37
N SER F 148 12.43 40.06 14.01
CA SER F 148 11.72 39.35 12.95
C SER F 148 12.36 39.51 11.58
N ILE F 149 13.22 40.52 11.41
CA ILE F 149 13.77 40.87 10.11
C ILE F 149 15.28 40.75 10.04
N VAL F 150 15.93 40.36 11.14
CA VAL F 150 17.39 40.23 11.17
C VAL F 150 17.74 38.74 11.18
N PRO F 151 18.72 38.29 10.41
CA PRO F 151 19.11 36.88 10.43
C PRO F 151 19.60 36.46 11.81
N SER F 152 19.66 35.14 12.01
CA SER F 152 20.20 34.60 13.25
C SER F 152 21.67 34.96 13.44
N THR F 153 22.34 35.42 12.38
CA THR F 153 23.70 35.91 12.46
C THR F 153 23.86 37.01 11.42
N VAL F 154 24.42 38.15 11.83
CA VAL F 154 24.67 39.23 10.88
C VAL F 154 25.69 38.75 9.86
N TRP F 155 25.35 38.88 8.58
CA TRP F 155 26.17 38.30 7.52
C TRP F 155 27.41 39.14 7.24
N GLU F 156 27.27 40.47 7.22
CA GLU F 156 28.40 41.36 7.02
C GLU F 156 28.24 42.59 7.89
N ASP F 157 29.37 43.17 8.29
CA ASP F 157 29.34 44.40 9.07
C ASP F 157 28.85 45.55 8.19
N GLY F 158 27.95 46.36 8.74
CA GLY F 158 27.36 47.45 7.99
C GLY F 158 26.19 47.07 7.11
N ASP F 159 25.63 45.88 7.29
CA ASP F 159 24.48 45.46 6.51
C ASP F 159 23.22 46.17 7.01
N TYR F 160 22.25 46.29 6.11
CA TYR F 160 20.95 46.87 6.42
C TYR F 160 19.86 45.88 6.02
N TYR F 161 18.90 45.68 6.92
CA TYR F 161 17.75 44.82 6.67
C TYR F 161 16.48 45.63 6.88
N ARG F 162 15.57 45.56 5.91
CA ARG F 162 14.31 46.28 6.00
C ARG F 162 13.19 45.44 5.41
N LYS F 163 12.00 45.61 5.97
CA LYS F 163 10.81 44.94 5.47
C LYS F 163 9.62 45.87 5.66
N GLN F 164 8.78 45.96 4.63
CA GLN F 164 7.59 46.80 4.68
C GLN F 164 6.53 46.14 5.56
N LEU F 165 5.96 46.92 6.47
CA LEU F 165 4.96 46.40 7.39
C LEU F 165 3.58 46.39 6.73
N SER F 166 2.68 45.62 7.33
CA SER F 166 1.32 45.53 6.83
C SER F 166 0.52 46.77 7.21
N PRO F 167 -0.43 47.18 6.37
CA PRO F 167 -1.26 48.35 6.73
C PRO F 167 -2.03 48.17 8.02
N LEU F 168 -2.36 46.92 8.40
CA LEU F 168 -3.05 46.69 9.66
C LEU F 168 -2.14 47.03 10.84
N GLU F 169 -0.86 46.68 10.76
CA GLU F 169 0.10 47.00 11.80
C GLU F 169 0.51 48.46 11.81
N GLY F 170 0.10 49.24 10.81
CA GLY F 170 0.43 50.65 10.73
C GLY F 170 1.17 51.05 9.48
N GLY F 171 1.57 50.12 8.63
CA GLY F 171 2.31 50.47 7.44
C GLY F 171 3.74 50.87 7.77
N GLY F 172 4.35 51.57 6.82
CA GLY F 172 5.72 52.01 7.00
C GLY F 172 6.72 50.87 6.80
N TRP F 173 7.89 51.06 7.39
CA TRP F 173 8.98 50.10 7.27
C TRP F 173 9.62 49.86 8.64
N LEU F 174 10.38 48.77 8.72
CA LEU F 174 11.18 48.45 9.90
C LEU F 174 12.58 48.15 9.42
N VAL F 175 13.54 48.96 9.86
CA VAL F 175 14.91 48.88 9.36
C VAL F 175 15.85 48.63 10.54
N ALA F 176 16.82 47.75 10.34
CA ALA F 176 17.83 47.44 11.34
C ALA F 176 19.18 47.31 10.68
N SER F 177 20.23 47.71 11.41
CA SER F 177 21.60 47.65 10.94
C SER F 177 22.39 46.68 11.80
N GLY F 178 23.25 45.89 11.17
CA GLY F 178 24.02 44.86 11.85
C GLY F 178 25.50 45.18 11.88
N SER F 179 26.16 44.71 12.93
CA SER F 179 27.60 44.86 13.10
C SER F 179 28.21 43.53 13.51
N THR F 180 29.42 43.26 13.03
CA THR F 180 30.12 42.01 13.31
C THR F 180 31.40 42.29 14.08
N VAL F 181 31.69 41.41 15.04
CA VAL F 181 32.94 41.44 15.79
C VAL F 181 33.58 40.07 15.67
N ALA F 182 34.80 40.03 15.13
CA ALA F 182 35.44 38.77 14.76
C ALA F 182 35.54 37.83 15.95
N MET F 183 35.55 36.53 15.64
CA MET F 183 35.48 35.50 16.67
C MET F 183 36.80 35.39 17.42
N THR F 184 36.72 34.90 18.66
CA THR F 184 37.88 34.64 19.49
C THR F 184 38.39 33.23 19.23
N GLU F 185 39.42 32.84 19.98
CA GLU F 185 39.90 31.46 19.90
C GLU F 185 39.06 30.52 20.75
N GLN F 186 38.59 30.99 21.90
CA GLN F 186 37.66 30.25 22.73
C GLN F 186 36.34 30.99 22.78
N LEU F 187 35.24 30.25 22.65
CA LEU F 187 33.91 30.87 22.63
C LEU F 187 33.62 31.56 23.96
N GLN F 188 33.35 32.86 23.88
CA GLN F 188 32.99 33.67 25.04
C GLN F 188 31.50 33.96 24.99
N MET F 189 30.81 33.70 26.09
CA MET F 189 29.37 33.84 26.16
C MET F 189 28.98 34.66 27.39
N GLY F 190 27.73 35.11 27.39
CA GLY F 190 27.19 35.87 28.51
C GLY F 190 25.89 35.29 28.98
N PHE F 191 25.75 35.18 30.31
CA PHE F 191 24.58 34.59 30.93
C PHE F 191 23.81 35.67 31.70
N GLY F 192 22.50 35.71 31.49
CA GLY F 192 21.63 36.65 32.18
C GLY F 192 20.68 35.89 33.10
N ILE F 193 20.68 36.29 34.37
CA ILE F 193 19.91 35.60 35.41
C ILE F 193 18.95 36.60 36.04
N THR F 194 17.70 36.17 36.22
CA THR F 194 16.67 36.94 36.89
C THR F 194 15.78 35.99 37.66
N VAL F 195 15.35 36.39 38.85
CA VAL F 195 14.49 35.56 39.71
C VAL F 195 13.21 36.33 40.00
N GLN F 196 12.07 35.64 39.88
CA GLN F 196 10.78 36.20 40.19
C GLN F 196 10.30 35.65 41.53
N TYR F 197 9.09 36.02 41.92
CA TYR F 197 8.53 35.54 43.19
C TYR F 197 7.02 35.47 43.07
N GLY F 198 6.42 34.55 43.80
CA GLY F 198 4.98 34.40 43.83
C GLY F 198 4.52 33.91 45.18
N THR F 199 3.21 34.02 45.39
CA THR F 199 2.60 33.60 46.65
C THR F 199 2.26 32.11 46.67
N ASP F 200 2.00 31.51 45.51
CA ASP F 200 1.55 30.13 45.46
C ASP F 200 2.72 29.15 45.66
N THR F 201 3.60 29.06 44.68
CA THR F 201 4.66 28.06 44.68
C THR F 201 6.03 28.70 44.83
N ASN F 202 6.93 28.00 45.52
CA ASN F 202 8.33 28.35 45.66
C ASN F 202 9.20 27.13 45.43
N SER F 203 8.90 26.37 44.37
CA SER F 203 9.51 25.07 44.16
C SER F 203 10.79 25.20 43.34
N VAL F 204 11.44 26.35 43.41
CA VAL F 204 12.73 26.55 42.76
C VAL F 204 13.79 26.83 43.82
N CYS F 205 14.17 25.79 44.55
CA CYS F 205 15.17 25.87 45.61
C CYS F 205 16.48 25.23 45.16
N PRO F 206 17.59 25.58 45.80
CA PRO F 206 18.86 24.92 45.46
C PRO F 206 18.88 23.47 45.94
N LYS F 207 19.60 22.64 45.20
CA LYS F 207 19.72 21.23 45.53
C LYS F 207 20.70 21.05 46.68
N LEU F 208 20.26 20.36 47.73
CA LEU F 208 21.08 20.13 48.90
C LEU F 208 21.36 18.64 49.10
#